data_9CF1
#
_entry.id   9CF1
#
_cell.length_a   1.00
_cell.length_b   1.00
_cell.length_c   1.00
_cell.angle_alpha   90.00
_cell.angle_beta   90.00
_cell.angle_gamma   90.00
#
_symmetry.space_group_name_H-M   'P 1'
#
loop_
_entity.id
_entity.type
_entity.pdbx_description
1 polymer 'Peptidyl-prolyl cis-trans isomerase'
2 polymer 'DNA non-target strand'
3 polymer 'Maltose/maltodextrin-binding periplasmic protein,Parasitella parasitica Fanzor 1'
4 polymer 'DNA target strand'
5 polymer 'Parasitella parasitica Fanzor 1 omegaRNA'
6 non-polymer 'ZINC ION'
#
loop_
_entity_poly.entity_id
_entity_poly.type
_entity_poly.pdbx_seq_one_letter_code
_entity_poly.pdbx_strand_id
1 'polypeptide(L)'
;MSQVYFDVEADGQPIGRVVFKLYNDIVPKTAENFRALCTGEKGFGYAGSPFHRVIPDFMLQGGDFTAGNGTGGKSIYGGK
FPDENFKKHHDRPGLLSMANAGPNTNGSQFFITTVPCPWLDGKHVVFGEVVDGYDIVKKVESLGSPSGATKARIVVAKSG
EL
;
C
2 'polydeoxyribonucleotide'
;(DT)(DA)(DC)(DC)(DC)(DG)(DG)(DG)(DA)(DT)(DA)(DA)(DA)(DC)(DA)(DT)(DC)(DC)(DA)(DG)
(DC)(DA)(DA)(DA)(DC)(DA)(DG)(DA)(DG)(DC)(DT)(DC)(DG)(DT)(DT)(DC)(DA)(DA)(DA)(DA)
(DA)(DC)(DT)(DA)(DA)(DT)(DT)(DT)(DC)(DC)(DT)(DT)(DT)(DT)(DG)(DA)(DC)
;
N
3 'polypeptide(L)'
;MKSSHHHHHHHHHHGSSMKIEEGKLVIWINGDKGYNGLAEVGKKFEKDTGIKVTVEHPDKLEEKFPQVAATGDGPDIIFW
AHDRFGGYAQSGLLAEITPDKAFQDKLYPFTWDAVRYNGKLIAYPIAVEALSLIYNKDLLPNPPKTWEEIPALDKELKAK
GKSALMFNLQEPYFTWPLIAADGGYAFKYENGKYDIKDVGVDNAGAKAGLTFLVDLIKNKHMNADTDYSIAEAAFNKGET
AMTINGPWAWSNIDTSKVNYGVTVLPTFKGQPSKPFVGVLSAGINAASPNKELAKEFLENYLLTDEGLEAVNKDKPLGAV
ALKSYEEELAKDPRIAATMENAQKGEIMPNIPQMSAFWYAVRTAVINAASGRQTVDEALKDAQTNSSSNNNNNNNNNNLG
IEENLYFQSNAEAESDDDFQPPIIRRKRSSRENTQQSGSQKRLKGKDKEIVADDNPILNTTTLDDYDYDDFQPPVVKRPD
IGESSSSVNPTFFAAESSTRASHTSNNTPNTPSKRVITIKTTIKGIWKYDYRQPLYDLVHTTNLLVTHTYAFTKYIFLKE
LATDENFAFNELITKDFFVEVFLSLVSAKAGNSERLKDTTKRYRSLIGKHKDAYFEDAKYTPISLAYAQQIALYECAKVQ
TAYFNNMKAHFGNRLRALINKLFKKKEKVESLTKEMEANNFSIKEIKQAIRKNVYQPCNQVKLAITKKNMPESGLLDDKS
VTQLNEFFSMYAVDYTFQKESIFYDVVANPEKHFKAFYKLAQLSEAYEVKPFACFPLRRTFIPCYMTVDSKILNYHILKN
KKVLKMDEKFNAWGRVVNLERKAFKSQGCKKTLHFQGTLETDGVGVSILKQNTDTNRKSVMPKKPLEDIDDETKYIEKLE
DAELKQTLGKCVLMDPGRRDLLYCMKETSRADKKEIMIFTKNDRSKCSRHFRRLRKLLQPSQIREAETYLSGFATKSVNM
EKFVEYIQARASVKDILYEYYGNETAKSITEFYPESQFDFKVDQKCNLYYENLFVAKIRGFYPQPEHEPNDITLKSHMYH
TYLQIMLNQKHISERLNSEKRRKIEDLAKAILEQPHESGHKTTISSLLGKLRLLPFRKMKFSTKLFSDNNDRKLVKNIKK
KFGADAVLVLGNWSAPNTKYQDPTRNKGLRRMLKKNGFPLYLIDEFRTSSFCPKCESDLEKFKVIPNPRPHNQEKQPKVL
CHGLLRCKNMSCLEQQTSEGNQRLWNRDQAAVLNFRKILNCLRETKQRPPLFSREPSKN
;
P
4 'polydeoxyribonucleotide'
;(DG)(DT)(DC)(DA)(DA)(DA)(DA)(DG)(DG)(DA)(DA)(DA)(DT)(DT)(DA)(DG)(DT)(DT)(DT)(DT)
(DT)(DG)(DA)(DA)(DC)(DG)(DA)(DG)(DC)(DT)(DC)(DT)(DG)(DT)(DT)(DT)(DG)(DC)(DT)(DG)
(DG)(DA)(DT)(DG)(DT)(DT)(DT)(DA)(DT)(DC)(DC)(DC)(DG)(DG)(DG)(DT)(DA)
;
T
5 'polyribonucleotide' UUAUCCACCAAAGUUAUCGCUUUGGUCAAUUAAUGCAGGUAAGCAACAUCCAGCAAACAGA W
#
loop_
_chem_comp.id
_chem_comp.type
_chem_comp.name
_chem_comp.formula
A RNA linking ADENOSINE-5'-MONOPHOSPHATE 'C10 H14 N5 O7 P'
C RNA linking CYTIDINE-5'-MONOPHOSPHATE 'C9 H14 N3 O8 P'
DA DNA linking 2'-DEOXYADENOSINE-5'-MONOPHOSPHATE 'C10 H14 N5 O6 P'
DC DNA linking 2'-DEOXYCYTIDINE-5'-MONOPHOSPHATE 'C9 H14 N3 O7 P'
DG DNA linking 2'-DEOXYGUANOSINE-5'-MONOPHOSPHATE 'C10 H14 N5 O7 P'
DT DNA linking THYMIDINE-5'-MONOPHOSPHATE 'C10 H15 N2 O8 P'
G RNA linking GUANOSINE-5'-MONOPHOSPHATE 'C10 H14 N5 O8 P'
U RNA linking URIDINE-5'-MONOPHOSPHATE 'C9 H13 N2 O9 P'
ZN non-polymer 'ZINC ION' 'Zn 2'
#
# COMPACT_ATOMS: atom_id res chain seq x y z
N MET A 1 -54.40 5.75 -9.84
CA MET A 1 -53.17 6.07 -10.60
C MET A 1 -52.85 7.56 -10.50
N SER A 2 -51.83 7.89 -9.70
CA SER A 2 -51.44 9.27 -9.51
C SER A 2 -50.89 9.85 -10.82
N GLN A 3 -51.15 11.13 -11.03
CA GLN A 3 -50.75 11.84 -12.23
C GLN A 3 -49.61 12.80 -11.92
N VAL A 4 -48.65 12.90 -12.84
CA VAL A 4 -47.48 13.75 -12.69
C VAL A 4 -47.41 14.68 -13.89
N TYR A 5 -47.14 15.96 -13.62
CA TYR A 5 -47.01 16.98 -14.66
C TYR A 5 -45.66 17.65 -14.55
N PHE A 6 -45.04 17.93 -15.69
CA PHE A 6 -43.74 18.59 -15.75
C PHE A 6 -43.84 19.83 -16.62
N ASP A 7 -43.10 20.87 -16.23
CA ASP A 7 -42.94 22.08 -17.03
C ASP A 7 -41.56 22.05 -17.66
N VAL A 8 -41.52 22.10 -18.99
CA VAL A 8 -40.29 21.92 -19.76
C VAL A 8 -39.91 23.27 -20.36
N GLU A 9 -38.67 23.70 -20.10
CA GLU A 9 -38.13 24.93 -20.65
C GLU A 9 -36.85 24.61 -21.42
N ALA A 10 -36.80 25.04 -22.68
CA ALA A 10 -35.65 24.82 -23.54
C ALA A 10 -35.05 26.16 -23.92
N ASP A 11 -33.74 26.31 -23.71
CA ASP A 11 -33.04 27.56 -24.01
C ASP A 11 -33.65 28.74 -23.26
N GLY A 12 -34.19 28.49 -22.06
CA GLY A 12 -34.82 29.51 -21.27
C GLY A 12 -36.23 29.87 -21.70
N GLN A 13 -36.79 29.18 -22.69
CA GLN A 13 -38.12 29.46 -23.20
C GLN A 13 -39.03 28.29 -22.90
N PRO A 14 -40.10 28.44 -22.12
CA PRO A 14 -41.03 27.32 -21.92
C PRO A 14 -41.59 26.83 -23.25
N ILE A 15 -41.70 25.52 -23.38
CA ILE A 15 -42.15 24.90 -24.63
C ILE A 15 -43.42 24.09 -24.48
N GLY A 16 -43.85 23.78 -23.26
CA GLY A 16 -45.08 23.05 -23.05
C GLY A 16 -45.03 22.26 -21.76
N ARG A 17 -46.04 21.40 -21.59
CA ARG A 17 -46.20 20.57 -20.41
C ARG A 17 -46.47 19.14 -20.84
N VAL A 18 -46.00 18.20 -20.03
CA VAL A 18 -46.20 16.77 -20.26
C VAL A 18 -46.82 16.17 -19.00
N VAL A 19 -47.87 15.38 -19.17
CA VAL A 19 -48.61 14.77 -18.06
C VAL A 19 -48.40 13.27 -18.12
N PHE A 20 -48.01 12.70 -16.98
CA PHE A 20 -47.79 11.26 -16.85
C PHE A 20 -48.77 10.67 -15.84
N LYS A 21 -49.11 9.40 -16.04
CA LYS A 21 -49.97 8.66 -15.13
C LYS A 21 -49.24 7.39 -14.72
N LEU A 22 -49.17 7.14 -13.42
CA LEU A 22 -48.34 6.09 -12.87
C LEU A 22 -49.16 4.85 -12.51
N TYR A 23 -48.56 3.68 -12.72
CA TYR A 23 -49.17 2.41 -12.32
C TYR A 23 -48.77 2.08 -10.89
N ASN A 24 -49.30 2.90 -9.97
CA ASN A 24 -48.94 2.74 -8.56
C ASN A 24 -49.36 1.38 -8.03
N ASP A 25 -50.57 0.92 -8.39
CA ASP A 25 -51.05 -0.36 -7.89
C ASP A 25 -50.16 -1.51 -8.36
N ILE A 26 -49.54 -1.38 -9.53
CA ILE A 26 -48.70 -2.44 -10.06
C ILE A 26 -47.27 -2.32 -9.59
N VAL A 27 -46.75 -1.10 -9.51
CA VAL A 27 -45.36 -0.86 -9.11
C VAL A 27 -45.35 0.17 -7.98
N PRO A 28 -45.58 -0.25 -6.73
CA PRO A 28 -45.73 0.72 -5.64
C PRO A 28 -44.46 1.51 -5.32
N LYS A 29 -43.35 0.80 -5.10
CA LYS A 29 -42.13 1.47 -4.64
C LYS A 29 -41.63 2.47 -5.68
N THR A 30 -41.60 2.07 -6.94
CA THR A 30 -41.13 2.99 -7.99
C THR A 30 -42.04 4.20 -8.09
N ALA A 31 -43.36 3.99 -8.04
CA ALA A 31 -44.28 5.12 -8.11
C ALA A 31 -44.10 6.04 -6.91
N GLU A 32 -43.94 5.47 -5.71
CA GLU A 32 -43.73 6.30 -4.53
C GLU A 32 -42.44 7.10 -4.64
N ASN A 33 -41.36 6.46 -5.10
CA ASN A 33 -40.10 7.19 -5.26
C ASN A 33 -40.23 8.29 -6.31
N PHE A 34 -40.89 7.98 -7.44
CA PHE A 34 -41.09 8.99 -8.46
C PHE A 34 -41.96 10.13 -7.94
N ARG A 35 -43.02 9.80 -7.21
CA ARG A 35 -43.89 10.84 -6.66
C ARG A 35 -43.12 11.75 -5.71
N ALA A 36 -42.29 11.16 -4.84
CA ALA A 36 -41.54 11.97 -3.88
C ALA A 36 -40.58 12.92 -4.59
N LEU A 37 -39.87 12.42 -5.61
CA LEU A 37 -38.93 13.26 -6.35
C LEU A 37 -39.66 14.40 -7.06
N CYS A 38 -40.79 14.10 -7.70
CA CYS A 38 -41.52 15.12 -8.42
C CYS A 38 -42.05 16.20 -7.48
N THR A 39 -42.58 15.81 -6.31
CA THR A 39 -43.14 16.79 -5.39
C THR A 39 -42.07 17.77 -4.91
N GLY A 40 -40.88 17.28 -4.59
CA GLY A 40 -39.81 18.14 -4.13
C GLY A 40 -39.95 18.61 -2.70
N GLU A 41 -40.89 18.06 -1.93
CA GLU A 41 -41.07 18.47 -0.55
C GLU A 41 -39.92 18.04 0.35
N LYS A 42 -39.03 17.18 -0.13
CA LYS A 42 -37.92 16.68 0.67
C LYS A 42 -36.63 17.48 0.48
N GLY A 43 -36.72 18.64 -0.17
CA GLY A 43 -35.55 19.45 -0.45
C GLY A 43 -34.81 19.11 -1.73
N PHE A 44 -35.28 18.10 -2.47
CA PHE A 44 -34.66 17.72 -3.73
C PHE A 44 -35.72 17.13 -4.64
N GLY A 45 -35.45 17.18 -5.94
CA GLY A 45 -36.40 16.66 -6.90
C GLY A 45 -35.90 16.88 -8.31
N TYR A 46 -36.80 16.65 -9.27
CA TYR A 46 -36.46 16.79 -10.68
C TYR A 46 -36.27 18.23 -11.11
N ALA A 47 -36.60 19.20 -10.25
CA ALA A 47 -36.41 20.61 -10.58
C ALA A 47 -34.96 20.86 -10.96
N GLY A 48 -34.76 21.29 -12.21
CA GLY A 48 -33.43 21.55 -12.73
C GLY A 48 -32.76 20.36 -13.40
N SER A 49 -33.39 19.19 -13.40
CA SER A 49 -32.81 18.02 -14.04
C SER A 49 -32.97 18.12 -15.55
N PRO A 50 -31.89 18.12 -16.32
CA PRO A 50 -32.00 18.21 -17.78
C PRO A 50 -32.17 16.83 -18.43
N PHE A 51 -32.56 16.87 -19.70
CA PHE A 51 -32.64 15.66 -20.53
C PHE A 51 -31.27 15.49 -21.19
N HIS A 52 -30.39 14.75 -20.52
CA HIS A 52 -29.01 14.62 -20.94
C HIS A 52 -28.82 13.60 -22.07
N ARG A 53 -29.83 12.78 -22.36
CA ARG A 53 -29.68 11.73 -23.36
C ARG A 53 -31.03 11.53 -24.04
N VAL A 54 -31.18 12.13 -25.23
CA VAL A 54 -32.39 12.00 -26.04
C VAL A 54 -31.98 11.48 -27.41
N ILE A 55 -32.46 10.30 -27.76
CA ILE A 55 -32.20 9.69 -29.07
C ILE A 55 -33.48 9.81 -29.89
N PRO A 56 -33.47 10.55 -31.00
CA PRO A 56 -34.72 10.74 -31.75
C PRO A 56 -35.26 9.40 -32.26
N ASP A 57 -36.58 9.28 -32.23
CA ASP A 57 -37.33 8.11 -32.68
C ASP A 57 -37.10 6.89 -31.80
N PHE A 58 -36.27 6.99 -30.75
CA PHE A 58 -35.98 5.84 -29.90
C PHE A 58 -36.40 6.03 -28.46
N MET A 59 -35.97 7.10 -27.80
CA MET A 59 -36.16 7.22 -26.36
C MET A 59 -35.73 8.60 -25.89
N LEU A 60 -36.31 9.03 -24.78
CA LEU A 60 -35.89 10.20 -24.04
C LEU A 60 -35.48 9.77 -22.64
N GLN A 61 -34.48 10.46 -22.07
CA GLN A 61 -33.96 10.12 -20.76
C GLN A 61 -33.73 11.39 -19.96
N GLY A 62 -33.76 11.24 -18.64
CA GLY A 62 -33.54 12.36 -17.76
C GLY A 62 -33.60 11.93 -16.31
N GLY A 63 -33.71 12.92 -15.42
CA GLY A 63 -33.84 12.68 -14.01
C GLY A 63 -32.58 12.87 -13.19
N ASP A 64 -31.48 13.33 -13.80
CA ASP A 64 -30.24 13.56 -13.08
C ASP A 64 -30.28 14.97 -12.50
N PHE A 65 -30.65 15.08 -11.22
CA PHE A 65 -30.81 16.36 -10.55
C PHE A 65 -29.63 16.72 -9.65
N THR A 66 -28.56 15.93 -9.67
CA THR A 66 -27.39 16.19 -8.84
C THR A 66 -26.14 16.53 -9.64
N ALA A 67 -26.01 16.02 -10.86
CA ALA A 67 -24.85 16.31 -11.69
C ALA A 67 -25.28 16.79 -13.08
N GLY A 68 -26.49 16.39 -13.50
CA GLY A 68 -26.97 16.78 -14.82
C GLY A 68 -26.13 16.23 -15.95
N ASN A 69 -25.55 15.04 -15.78
CA ASN A 69 -24.74 14.43 -16.83
C ASN A 69 -24.98 12.93 -16.95
N GLY A 70 -26.00 12.38 -16.29
CA GLY A 70 -26.30 10.96 -16.38
C GLY A 70 -25.57 10.09 -15.38
N THR A 71 -24.69 10.66 -14.55
CA THR A 71 -23.95 9.88 -13.57
C THR A 71 -24.52 10.01 -12.17
N GLY A 72 -25.20 11.10 -11.86
CA GLY A 72 -25.76 11.31 -10.53
C GLY A 72 -27.15 10.70 -10.38
N GLY A 73 -27.73 10.91 -9.22
CA GLY A 73 -29.06 10.42 -8.90
C GLY A 73 -29.06 9.59 -7.63
N LYS A 74 -30.21 9.57 -6.96
CA LYS A 74 -30.39 8.82 -5.73
C LYS A 74 -31.85 8.40 -5.63
N SER A 75 -32.25 7.94 -4.45
CA SER A 75 -33.62 7.52 -4.21
C SER A 75 -33.97 7.73 -2.75
N ILE A 76 -35.27 7.81 -2.47
CA ILE A 76 -35.73 7.98 -1.09
C ILE A 76 -35.29 6.82 -0.23
N TYR A 77 -35.16 5.63 -0.82
CA TYR A 77 -34.74 4.45 -0.08
C TYR A 77 -33.23 4.40 0.13
N GLY A 78 -32.47 5.30 -0.49
CA GLY A 78 -31.03 5.31 -0.37
C GLY A 78 -30.35 5.41 -1.72
N GLY A 79 -29.13 4.87 -1.82
CA GLY A 79 -28.42 4.92 -3.09
C GLY A 79 -29.13 4.14 -4.17
N LYS A 80 -29.67 2.97 -3.83
CA LYS A 80 -30.36 2.13 -4.80
C LYS A 80 -31.35 1.24 -4.07
N PHE A 81 -32.33 0.74 -4.81
CA PHE A 81 -33.34 -0.15 -4.26
C PHE A 81 -33.55 -1.34 -5.19
N PRO A 82 -33.94 -2.49 -4.66
CA PRO A 82 -34.16 -3.66 -5.52
C PRO A 82 -35.36 -3.47 -6.44
N ASP A 83 -35.34 -4.21 -7.55
CA ASP A 83 -36.47 -4.21 -8.47
C ASP A 83 -37.68 -4.92 -7.85
N GLU A 84 -38.83 -4.71 -8.46
CA GLU A 84 -40.09 -5.26 -7.96
C GLU A 84 -40.64 -6.34 -8.87
N ASN A 85 -40.87 -6.04 -10.15
CA ASN A 85 -41.49 -6.99 -11.07
C ASN A 85 -41.53 -6.42 -12.48
N PHE A 86 -41.97 -7.23 -13.43
CA PHE A 86 -42.10 -6.83 -14.83
C PHE A 86 -43.51 -7.11 -15.35
N LYS A 87 -44.52 -6.79 -14.53
CA LYS A 87 -45.90 -6.99 -14.95
C LYS A 87 -46.27 -6.11 -16.14
N LYS A 88 -45.51 -5.05 -16.39
CA LYS A 88 -45.72 -4.18 -17.52
C LYS A 88 -44.54 -4.31 -18.49
N HIS A 89 -44.82 -4.08 -19.77
CA HIS A 89 -43.83 -4.26 -20.83
C HIS A 89 -43.84 -3.04 -21.74
N HIS A 90 -42.70 -2.81 -22.40
CA HIS A 90 -42.54 -1.70 -23.32
C HIS A 90 -43.25 -2.03 -24.63
N ASP A 91 -44.58 -2.01 -24.58
CA ASP A 91 -45.41 -2.40 -25.71
C ASP A 91 -46.00 -1.23 -26.47
N ARG A 92 -46.06 -0.04 -25.89
CA ARG A 92 -46.67 1.11 -26.53
C ARG A 92 -45.75 2.33 -26.40
N PRO A 93 -45.84 3.26 -27.35
CA PRO A 93 -45.05 4.50 -27.23
C PRO A 93 -45.46 5.33 -26.02
N GLY A 94 -44.50 6.10 -25.51
CA GLY A 94 -44.75 7.03 -24.43
C GLY A 94 -44.71 6.43 -23.03
N LEU A 95 -44.38 5.15 -22.90
CA LEU A 95 -44.31 4.53 -21.59
C LEU A 95 -43.16 5.10 -20.79
N LEU A 96 -43.40 5.35 -19.50
CA LEU A 96 -42.39 5.88 -18.59
C LEU A 96 -41.82 4.72 -17.77
N SER A 97 -40.50 4.58 -17.77
CA SER A 97 -39.83 3.47 -17.10
C SER A 97 -38.55 3.96 -16.46
N MET A 98 -38.04 3.18 -15.52
CA MET A 98 -36.84 3.53 -14.77
C MET A 98 -35.59 3.18 -15.57
N ALA A 99 -34.61 4.07 -15.54
CA ALA A 99 -33.30 3.84 -16.14
C ALA A 99 -32.31 3.50 -15.05
N ASN A 100 -31.63 2.35 -15.20
CA ASN A 100 -30.71 1.85 -14.19
C ASN A 100 -29.46 1.33 -14.89
N ALA A 101 -28.54 0.79 -14.08
CA ALA A 101 -27.28 0.23 -14.57
C ALA A 101 -27.17 -1.25 -14.26
N GLY A 102 -28.31 -1.95 -14.18
CA GLY A 102 -28.33 -3.35 -13.88
C GLY A 102 -29.34 -3.67 -12.79
N PRO A 103 -29.43 -4.94 -12.41
CA PRO A 103 -30.39 -5.32 -11.37
C PRO A 103 -30.12 -4.57 -10.07
N ASN A 104 -31.19 -4.11 -9.42
CA ASN A 104 -31.15 -3.46 -8.12
C ASN A 104 -30.35 -2.17 -8.14
N THR A 105 -30.10 -1.59 -9.32
CA THR A 105 -29.37 -0.33 -9.43
C THR A 105 -30.28 0.84 -9.77
N ASN A 106 -31.57 0.71 -9.53
CA ASN A 106 -32.49 1.80 -9.83
C ASN A 106 -32.20 3.01 -8.97
N GLY A 107 -32.39 4.20 -9.55
CA GLY A 107 -32.18 5.45 -8.85
C GLY A 107 -33.27 6.46 -9.12
N SER A 108 -32.87 7.69 -9.48
CA SER A 108 -33.81 8.73 -9.83
C SER A 108 -34.00 8.92 -11.33
N GLN A 109 -33.09 8.38 -12.14
CA GLN A 109 -33.18 8.57 -13.58
C GLN A 109 -34.35 7.79 -14.16
N PHE A 110 -34.94 8.34 -15.22
CA PHE A 110 -36.06 7.72 -15.90
C PHE A 110 -35.90 7.94 -17.40
N PHE A 111 -36.60 7.11 -18.18
CA PHE A 111 -36.61 7.26 -19.63
C PHE A 111 -38.02 7.05 -20.15
N ILE A 112 -38.35 7.76 -21.23
CA ILE A 112 -39.65 7.69 -21.87
C ILE A 112 -39.46 7.08 -23.26
N THR A 113 -40.21 6.02 -23.53
CA THR A 113 -40.11 5.33 -24.81
C THR A 113 -40.97 6.01 -25.87
N THR A 114 -40.45 6.05 -27.10
CA THR A 114 -41.17 6.60 -28.23
C THR A 114 -41.62 5.54 -29.23
N VAL A 115 -41.04 4.34 -29.16
CA VAL A 115 -41.47 3.22 -30.00
C VAL A 115 -41.44 1.95 -29.16
N PRO A 116 -42.14 0.91 -29.62
CA PRO A 116 -42.12 -0.36 -28.87
C PRO A 116 -40.70 -0.87 -28.69
N CYS A 117 -40.43 -1.40 -27.51
CA CYS A 117 -39.11 -1.92 -27.14
C CYS A 117 -39.27 -3.31 -26.54
N PRO A 118 -39.61 -4.31 -27.36
CA PRO A 118 -39.74 -5.68 -26.82
C PRO A 118 -38.45 -6.20 -26.22
N TRP A 119 -37.30 -5.79 -26.73
CA TRP A 119 -36.02 -6.26 -26.20
C TRP A 119 -35.75 -5.74 -24.80
N LEU A 120 -36.35 -4.61 -24.42
CA LEU A 120 -36.14 -4.06 -23.08
C LEU A 120 -37.01 -4.73 -22.03
N ASP A 121 -37.93 -5.61 -22.42
CA ASP A 121 -38.77 -6.29 -21.45
C ASP A 121 -37.93 -7.19 -20.56
N GLY A 122 -38.26 -7.22 -19.28
CA GLY A 122 -37.51 -8.00 -18.31
C GLY A 122 -36.25 -7.35 -17.80
N LYS A 123 -35.94 -6.13 -18.23
CA LYS A 123 -34.75 -5.41 -17.81
C LYS A 123 -35.08 -4.12 -17.06
N HIS A 124 -35.99 -3.31 -17.59
CA HIS A 124 -36.39 -2.05 -16.97
C HIS A 124 -37.84 -2.14 -16.53
N VAL A 125 -38.13 -1.53 -15.38
CA VAL A 125 -39.47 -1.58 -14.79
C VAL A 125 -40.28 -0.42 -15.37
N VAL A 126 -41.41 -0.76 -15.99
CA VAL A 126 -42.33 0.23 -16.53
C VAL A 126 -43.35 0.58 -15.45
N PHE A 127 -43.50 1.88 -15.17
CA PHE A 127 -44.36 2.32 -14.08
C PHE A 127 -45.23 3.52 -14.45
N GLY A 128 -45.34 3.87 -15.72
CA GLY A 128 -46.17 5.00 -16.09
C GLY A 128 -46.33 5.11 -17.59
N GLU A 129 -47.25 5.99 -17.98
CA GLU A 129 -47.53 6.26 -19.38
C GLU A 129 -47.91 7.72 -19.54
N VAL A 130 -47.65 8.27 -20.73
CA VAL A 130 -48.01 9.65 -21.01
C VAL A 130 -49.48 9.73 -21.38
N VAL A 131 -50.22 10.60 -20.71
CA VAL A 131 -51.64 10.76 -20.95
C VAL A 131 -51.97 12.08 -21.65
N ASP A 132 -51.14 13.11 -21.49
CA ASP A 132 -51.37 14.38 -22.15
C ASP A 132 -50.02 15.04 -22.41
N GLY A 133 -50.00 15.97 -23.36
CA GLY A 133 -48.78 16.62 -23.74
C GLY A 133 -47.87 15.82 -24.64
N TYR A 134 -48.40 14.77 -25.28
CA TYR A 134 -47.58 13.96 -26.17
C TYR A 134 -46.99 14.79 -27.29
N ASP A 135 -47.69 15.86 -27.70
CA ASP A 135 -47.12 16.76 -28.70
C ASP A 135 -45.83 17.41 -28.20
N ILE A 136 -45.81 17.79 -26.92
CA ILE A 136 -44.60 18.35 -26.34
C ILE A 136 -43.49 17.30 -26.30
N VAL A 137 -43.86 16.04 -26.04
CA VAL A 137 -42.87 14.97 -26.06
C VAL A 137 -42.23 14.85 -27.42
N LYS A 138 -43.04 14.90 -28.49
CA LYS A 138 -42.50 14.86 -29.83
C LYS A 138 -41.63 16.08 -30.10
N LYS A 139 -42.05 17.26 -29.62
CA LYS A 139 -41.26 18.46 -29.81
C LYS A 139 -39.89 18.32 -29.14
N VAL A 140 -39.86 17.79 -27.92
CA VAL A 140 -38.58 17.54 -27.26
C VAL A 140 -37.78 16.51 -28.02
N GLU A 141 -38.46 15.46 -28.52
CA GLU A 141 -37.75 14.41 -29.25
C GLU A 141 -37.08 14.96 -30.50
N SER A 142 -37.76 15.85 -31.23
CA SER A 142 -37.21 16.39 -32.46
C SER A 142 -35.89 17.12 -32.23
N LEU A 143 -35.62 17.56 -31.01
CA LEU A 143 -34.39 18.28 -30.69
C LEU A 143 -33.23 17.34 -30.35
N GLY A 144 -33.47 16.03 -30.31
CA GLY A 144 -32.42 15.09 -29.97
C GLY A 144 -31.50 14.77 -31.15
N SER A 145 -30.46 14.00 -30.85
CA SER A 145 -29.48 13.57 -31.82
C SER A 145 -29.23 12.08 -31.65
N PRO A 146 -28.73 11.41 -32.70
CA PRO A 146 -28.50 9.96 -32.58
C PRO A 146 -27.59 9.59 -31.43
N SER A 147 -26.58 10.41 -31.15
CA SER A 147 -25.67 10.13 -30.04
C SER A 147 -26.31 10.37 -28.68
N GLY A 148 -27.49 10.98 -28.64
CA GLY A 148 -28.18 11.27 -27.41
C GLY A 148 -28.05 12.70 -26.94
N ALA A 149 -27.04 13.43 -27.43
CA ALA A 149 -26.87 14.82 -27.03
C ALA A 149 -27.96 15.68 -27.65
N THR A 150 -28.61 16.48 -26.83
CA THR A 150 -29.69 17.35 -27.29
C THR A 150 -29.12 18.56 -28.03
N LYS A 151 -29.80 18.94 -29.11
CA LYS A 151 -29.38 20.14 -29.84
C LYS A 151 -29.48 21.38 -28.96
N ALA A 152 -30.56 21.49 -28.19
CA ALA A 152 -30.75 22.57 -27.23
C ALA A 152 -30.74 22.00 -25.81
N ARG A 153 -30.57 22.91 -24.84
CA ARG A 153 -30.53 22.52 -23.43
C ARG A 153 -31.95 22.55 -22.90
N ILE A 154 -32.46 21.38 -22.52
CA ILE A 154 -33.83 21.22 -22.04
C ILE A 154 -33.78 20.87 -20.56
N VAL A 155 -34.48 21.65 -19.74
CA VAL A 155 -34.49 21.47 -18.29
C VAL A 155 -35.93 21.50 -17.80
N VAL A 156 -36.26 20.61 -16.87
CA VAL A 156 -37.57 20.58 -16.25
C VAL A 156 -37.61 21.64 -15.16
N ALA A 157 -38.32 22.74 -15.42
CA ALA A 157 -38.33 23.85 -14.48
C ALA A 157 -39.13 23.52 -13.22
N LYS A 158 -40.31 22.93 -13.38
CA LYS A 158 -41.16 22.59 -12.25
C LYS A 158 -41.75 21.20 -12.44
N SER A 159 -42.06 20.56 -11.32
CA SER A 159 -42.71 19.26 -11.31
C SER A 159 -43.73 19.22 -10.18
N GLY A 160 -44.74 18.37 -10.33
CA GLY A 160 -45.77 18.26 -9.33
C GLY A 160 -46.64 17.04 -9.57
N GLU A 161 -47.63 16.88 -8.68
CA GLU A 161 -48.54 15.75 -8.72
C GLU A 161 -49.98 16.27 -8.80
N LEU A 162 -50.82 15.49 -9.47
CA LEU A 162 -52.24 15.82 -9.59
C LEU A 162 -53.08 14.54 -9.58
N PRO C 512 6.21 12.32 35.78
CA PRO C 512 5.36 11.39 35.03
C PRO C 512 6.04 10.83 33.78
N SER C 513 5.46 9.79 33.20
CA SER C 513 6.03 9.17 32.02
C SER C 513 5.70 10.01 30.78
N LYS C 514 6.23 9.59 29.63
CA LYS C 514 6.04 10.30 28.37
C LYS C 514 5.65 9.31 27.29
N ARG C 515 4.82 9.78 26.36
CA ARG C 515 4.44 9.01 25.19
C ARG C 515 4.17 9.96 24.04
N VAL C 516 4.27 9.43 22.82
CA VAL C 516 4.05 10.21 21.60
C VAL C 516 3.08 9.44 20.71
N ILE C 517 2.12 10.16 20.14
CA ILE C 517 1.14 9.59 19.22
C ILE C 517 1.15 10.41 17.94
N THR C 518 0.81 9.76 16.84
CA THR C 518 0.81 10.38 15.53
C THR C 518 -0.54 10.18 14.85
N ILE C 519 -0.98 11.21 14.12
CA ILE C 519 -2.22 11.18 13.37
C ILE C 519 -1.91 11.51 11.93
N LYS C 520 -2.40 10.67 11.01
CA LYS C 520 -2.14 10.85 9.59
C LYS C 520 -3.25 11.67 8.93
N THR C 521 -2.86 12.44 7.92
CA THR C 521 -3.80 13.23 7.14
C THR C 521 -3.14 13.55 5.79
N THR C 522 -3.77 14.43 5.03
CA THR C 522 -3.29 14.79 3.70
C THR C 522 -3.02 16.29 3.62
N ILE C 523 -2.11 16.66 2.73
CA ILE C 523 -1.77 18.07 2.54
C ILE C 523 -3.00 18.85 2.07
N LYS C 524 -3.73 18.30 1.09
CA LYS C 524 -4.86 19.02 0.52
C LYS C 524 -5.94 19.30 1.55
N GLY C 525 -6.00 18.53 2.64
CA GLY C 525 -7.10 18.68 3.58
C GLY C 525 -6.88 19.72 4.67
N ILE C 526 -5.63 20.08 4.95
CA ILE C 526 -5.34 20.99 6.05
C ILE C 526 -4.41 22.12 5.62
N TRP C 527 -3.77 21.97 4.46
CA TRP C 527 -2.77 22.92 4.01
C TRP C 527 -3.40 23.96 3.09
N LYS C 528 -3.16 25.24 3.40
CA LYS C 528 -3.68 26.32 2.57
C LYS C 528 -3.05 26.28 1.18
N TYR C 529 -3.85 26.62 0.17
CA TYR C 529 -3.40 26.52 -1.21
C TYR C 529 -2.22 27.44 -1.47
N ASP C 530 -2.26 28.66 -0.93
CA ASP C 530 -1.21 29.64 -1.24
C ASP C 530 0.17 29.13 -0.85
N TYR C 531 0.26 28.34 0.22
CA TYR C 531 1.54 27.86 0.74
C TYR C 531 1.86 26.44 0.30
N ARG C 532 1.12 25.88 -0.65
CA ARG C 532 1.41 24.52 -1.10
C ARG C 532 2.70 24.47 -1.90
N GLN C 533 2.86 25.40 -2.85
CA GLN C 533 4.03 25.36 -3.73
C GLN C 533 5.34 25.49 -2.97
N PRO C 534 5.50 26.43 -2.02
CA PRO C 534 6.76 26.48 -1.27
C PRO C 534 7.10 25.17 -0.58
N LEU C 535 6.10 24.47 -0.04
CA LEU C 535 6.36 23.19 0.62
C LEU C 535 6.88 22.16 -0.38
N TYR C 536 6.26 22.10 -1.56
CA TYR C 536 6.67 21.10 -2.55
C TYR C 536 8.12 21.27 -2.95
N ASP C 537 8.55 22.51 -3.19
CA ASP C 537 9.93 22.78 -3.55
C ASP C 537 10.86 22.42 -2.40
N LEU C 538 10.45 22.70 -1.16
CA LEU C 538 11.28 22.39 0.00
C LEU C 538 11.53 20.88 0.09
N VAL C 539 10.49 20.08 -0.11
CA VAL C 539 10.67 18.62 -0.08
C VAL C 539 11.57 18.18 -1.22
N HIS C 540 11.36 18.73 -2.41
CA HIS C 540 12.21 18.39 -3.55
C HIS C 540 13.66 18.75 -3.28
N THR C 541 13.91 19.76 -2.44
CA THR C 541 15.28 20.13 -2.10
C THR C 541 15.82 19.26 -0.97
N THR C 542 15.05 19.11 0.10
CA THR C 542 15.51 18.35 1.25
C THR C 542 15.81 16.91 0.87
N ASN C 543 14.92 16.30 0.07
CA ASN C 543 15.10 14.91 -0.33
C ASN C 543 16.42 14.70 -1.06
N LEU C 544 16.73 15.58 -2.01
CA LEU C 544 17.98 15.46 -2.75
C LEU C 544 19.18 15.66 -1.83
N LEU C 545 19.12 16.66 -0.96
CA LEU C 545 20.24 16.93 -0.06
C LEU C 545 20.50 15.74 0.85
N VAL C 546 19.44 15.15 1.40
CA VAL C 546 19.62 13.98 2.26
C VAL C 546 20.23 12.83 1.48
N THR C 547 19.73 12.60 0.26
CA THR C 547 20.25 11.51 -0.57
C THR C 547 21.73 11.74 -0.88
N HIS C 548 22.10 12.98 -1.25
CA HIS C 548 23.50 13.28 -1.50
C HIS C 548 24.33 13.14 -0.24
N THR C 549 23.75 13.50 0.90
CA THR C 549 24.46 13.37 2.18
C THR C 549 24.84 11.93 2.44
N TYR C 550 23.90 11.00 2.22
CA TYR C 550 24.21 9.58 2.38
C TYR C 550 25.30 9.16 1.41
N ALA C 551 25.13 9.48 0.12
CA ALA C 551 26.10 9.07 -0.88
C ALA C 551 27.45 9.75 -0.64
N PHE C 552 27.42 11.04 -0.35
CA PHE C 552 28.67 11.79 -0.13
C PHE C 552 29.41 11.24 1.08
N THR C 553 28.68 10.97 2.17
CA THR C 553 29.31 10.47 3.38
C THR C 553 29.97 9.12 3.13
N LYS C 554 29.28 8.23 2.41
CA LYS C 554 29.88 6.95 2.05
C LYS C 554 31.07 7.14 1.14
N TYR C 555 30.96 8.09 0.20
CA TYR C 555 32.06 8.35 -0.72
C TYR C 555 33.31 8.80 0.02
N ILE C 556 33.15 9.66 1.03
CA ILE C 556 34.29 10.12 1.81
C ILE C 556 34.96 8.95 2.51
N PHE C 557 34.16 8.09 3.16
CA PHE C 557 34.71 6.97 3.90
C PHE C 557 35.47 6.03 2.98
N LEU C 558 34.88 5.69 1.82
CA LEU C 558 35.56 4.80 0.89
C LEU C 558 36.81 5.43 0.29
N LYS C 559 36.84 6.77 0.18
CA LYS C 559 38.05 7.44 -0.27
C LYS C 559 39.15 7.40 0.79
N GLU C 560 38.79 7.62 2.05
CA GLU C 560 39.79 7.64 3.11
C GLU C 560 40.26 6.23 3.45
N LEU C 561 39.34 5.26 3.50
CA LEU C 561 39.70 3.90 3.85
C LEU C 561 40.45 3.19 2.73
N ALA C 562 40.17 3.55 1.48
CA ALA C 562 40.85 2.92 0.35
C ALA C 562 42.22 3.52 0.06
N THR C 563 42.59 4.59 0.75
CA THR C 563 43.88 5.25 0.55
C THR C 563 44.80 5.19 1.76
N ASP C 564 44.25 5.10 2.97
CA ASP C 564 45.06 5.05 4.18
C ASP C 564 44.30 4.26 5.24
N GLU C 565 44.88 3.15 5.69
CA GLU C 565 44.26 2.33 6.73
C GLU C 565 44.37 2.93 8.11
N ASN C 566 45.16 3.99 8.28
CA ASN C 566 45.30 4.67 9.57
C ASN C 566 44.25 5.75 9.79
N PHE C 567 43.14 5.68 9.05
CA PHE C 567 42.11 6.71 9.14
C PHE C 567 41.34 6.60 10.45
N ALA C 568 40.69 7.69 10.84
CA ALA C 568 39.92 7.79 12.07
C ALA C 568 38.43 7.60 11.83
N PHE C 569 38.07 6.69 10.93
CA PHE C 569 36.67 6.49 10.56
C PHE C 569 35.80 6.24 11.79
N ASN C 570 36.34 5.56 12.80
CA ASN C 570 35.54 5.23 13.98
C ASN C 570 35.09 6.50 14.69
N GLU C 571 35.94 7.53 14.73
CA GLU C 571 35.64 8.74 15.48
C GLU C 571 34.70 9.68 14.75
N LEU C 572 34.46 9.48 13.46
CA LEU C 572 33.66 10.41 12.66
C LEU C 572 32.18 10.07 12.64
N ILE C 573 31.75 9.03 13.37
CA ILE C 573 30.33 8.66 13.39
C ILE C 573 29.69 9.46 14.52
N THR C 574 29.31 10.69 14.19
CA THR C 574 28.63 11.57 15.13
C THR C 574 27.73 12.51 14.36
N LYS C 575 26.71 13.03 15.05
CA LYS C 575 25.75 13.91 14.38
C LYS C 575 26.44 15.17 13.85
N ASP C 576 27.45 15.66 14.55
CA ASP C 576 28.14 16.87 14.12
C ASP C 576 28.77 16.68 12.74
N PHE C 577 29.44 15.55 12.52
CA PHE C 577 30.08 15.33 11.23
C PHE C 577 29.05 15.26 10.11
N PHE C 578 27.93 14.57 10.34
CA PHE C 578 26.89 14.49 9.31
C PHE C 578 26.33 15.87 9.00
N VAL C 579 26.13 16.70 10.03
CA VAL C 579 25.61 18.04 9.81
C VAL C 579 26.54 18.84 8.91
N GLU C 580 27.85 18.75 9.16
CA GLU C 580 28.81 19.44 8.31
C GLU C 580 28.75 18.93 6.88
N VAL C 581 28.62 17.62 6.71
CA VAL C 581 28.50 17.06 5.36
C VAL C 581 27.24 17.58 4.67
N PHE C 582 26.12 17.60 5.40
CA PHE C 582 24.88 18.10 4.82
C PHE C 582 25.00 19.57 4.44
N LEU C 583 25.60 20.38 5.32
CA LEU C 583 25.71 21.81 5.04
C LEU C 583 26.70 22.10 3.93
N SER C 584 27.67 21.21 3.71
CA SER C 584 28.65 21.43 2.64
C SER C 584 28.00 21.48 1.27
N LEU C 585 26.82 20.88 1.11
CA LEU C 585 26.09 20.90 -0.15
C LEU C 585 25.21 22.12 -0.31
N VAL C 586 25.15 23.00 0.70
CA VAL C 586 24.32 24.19 0.67
C VAL C 586 25.22 25.42 0.58
N SER C 587 24.96 26.27 -0.41
CA SER C 587 25.71 27.51 -0.59
C SER C 587 25.11 28.58 0.30
N ALA C 588 25.97 29.27 1.06
CA ALA C 588 25.52 30.27 2.00
C ALA C 588 26.63 31.28 2.25
N LYS C 589 26.25 32.41 2.83
CA LYS C 589 27.21 33.44 3.22
C LYS C 589 27.84 33.06 4.55
N ALA C 590 29.12 32.72 4.53
CA ALA C 590 29.80 32.29 5.75
C ALA C 590 29.84 33.42 6.77
N GLY C 591 29.71 33.06 8.04
CA GLY C 591 29.75 33.99 9.14
C GLY C 591 31.12 34.07 9.78
N ASN C 592 31.13 34.27 11.09
CA ASN C 592 32.40 34.35 11.82
C ASN C 592 33.18 33.06 11.66
N SER C 593 34.48 33.20 11.38
CA SER C 593 35.35 32.06 11.18
C SER C 593 36.10 31.64 12.43
N GLU C 594 36.41 32.59 13.32
CA GLU C 594 37.13 32.28 14.55
C GLU C 594 36.23 31.63 15.60
N ARG C 595 34.92 31.70 15.46
CA ARG C 595 34.00 31.09 16.40
C ARG C 595 33.81 29.59 16.16
N LEU C 596 34.31 29.08 15.04
CA LEU C 596 34.18 27.65 14.75
C LEU C 596 35.01 26.83 15.73
N LYS C 597 34.45 25.70 16.17
CA LYS C 597 35.19 24.78 17.02
C LYS C 597 36.26 24.05 16.22
N ASP C 598 37.26 23.53 16.94
CA ASP C 598 38.32 22.77 16.28
C ASP C 598 37.76 21.54 15.57
N THR C 599 36.82 20.85 16.21
CA THR C 599 36.19 19.70 15.56
C THR C 599 35.47 20.11 14.29
N THR C 600 34.74 21.23 14.34
CA THR C 600 34.03 21.71 13.15
C THR C 600 35.01 22.03 12.02
N LYS C 601 36.12 22.70 12.34
CA LYS C 601 37.10 23.03 11.31
C LYS C 601 37.69 21.77 10.70
N ARG C 602 38.02 20.77 11.52
CA ARG C 602 38.58 19.53 11.00
C ARG C 602 37.56 18.81 10.11
N TYR C 603 36.30 18.77 10.55
CA TYR C 603 35.27 18.13 9.73
C TYR C 603 35.10 18.85 8.39
N ARG C 604 35.05 20.18 8.42
CA ARG C 604 34.90 20.93 7.18
C ARG C 604 36.09 20.73 6.26
N SER C 605 37.30 20.74 6.81
CA SER C 605 38.49 20.50 6.00
C SER C 605 38.46 19.10 5.38
N LEU C 606 38.06 18.10 6.15
CA LEU C 606 37.97 16.74 5.61
C LEU C 606 36.93 16.67 4.50
N ILE C 607 35.78 17.33 4.69
CA ILE C 607 34.74 17.33 3.68
C ILE C 607 35.25 18.02 2.41
N GLY C 608 35.93 19.16 2.57
CA GLY C 608 36.47 19.86 1.42
C GLY C 608 37.56 19.11 0.69
N LYS C 609 38.23 18.17 1.37
CA LYS C 609 39.27 17.38 0.73
C LYS C 609 38.71 16.61 -0.47
N HIS C 610 37.45 16.20 -0.41
CA HIS C 610 36.82 15.45 -1.48
C HIS C 610 35.57 16.13 -2.03
N LYS C 611 35.25 17.33 -1.56
CA LYS C 611 34.04 18.02 -2.02
C LYS C 611 34.10 18.28 -3.52
N ASP C 612 35.24 18.79 -4.01
CA ASP C 612 35.35 19.09 -5.43
C ASP C 612 35.27 17.83 -6.27
N ALA C 613 35.96 16.76 -5.86
CA ALA C 613 35.94 15.53 -6.62
C ALA C 613 34.53 14.92 -6.65
N TYR C 614 33.83 14.94 -5.51
CA TYR C 614 32.50 14.33 -5.46
C TYR C 614 31.52 15.04 -6.38
N PHE C 615 31.57 16.37 -6.42
CA PHE C 615 30.62 17.12 -7.26
C PHE C 615 30.74 16.71 -8.72
N GLU C 616 31.97 16.63 -9.24
CA GLU C 616 32.16 16.17 -10.61
C GLU C 616 31.74 14.72 -10.77
N ASP C 617 32.06 13.88 -9.78
CA ASP C 617 31.66 12.48 -9.85
C ASP C 617 30.15 12.33 -9.84
N ALA C 618 29.47 13.09 -8.99
CA ALA C 618 28.02 13.04 -8.90
C ALA C 618 27.31 14.02 -9.83
N LYS C 619 28.07 14.88 -10.51
CA LYS C 619 27.48 15.87 -11.42
C LYS C 619 26.44 16.72 -10.69
N TYR C 620 26.75 17.09 -9.45
CA TYR C 620 25.84 17.83 -8.59
C TYR C 620 26.33 19.27 -8.43
N THR C 621 25.38 20.19 -8.32
CA THR C 621 25.67 21.61 -8.12
C THR C 621 25.11 22.07 -6.78
N PRO C 622 25.82 22.94 -6.06
CA PRO C 622 25.31 23.41 -4.77
C PRO C 622 23.95 24.09 -4.92
N ILE C 623 23.11 23.90 -3.92
CA ILE C 623 21.75 24.46 -3.90
C ILE C 623 21.70 25.51 -2.80
N SER C 624 21.23 26.71 -3.16
CA SER C 624 21.11 27.80 -2.21
C SER C 624 19.88 27.56 -1.34
N LEU C 625 20.09 27.36 -0.04
CA LEU C 625 19.00 27.07 0.89
C LEU C 625 19.38 27.69 2.24
N ALA C 626 18.87 28.90 2.49
CA ALA C 626 19.14 29.56 3.76
C ALA C 626 18.33 28.93 4.89
N TYR C 627 18.83 29.09 6.11
CA TYR C 627 18.18 28.57 7.30
C TYR C 627 18.02 27.05 7.21
N ALA C 628 19.09 26.37 6.80
CA ALA C 628 19.11 24.93 6.68
C ALA C 628 19.65 24.23 7.91
N GLN C 629 19.89 24.97 9.00
CA GLN C 629 20.46 24.37 10.20
C GLN C 629 19.53 23.31 10.77
N GLN C 630 18.25 23.66 10.96
CA GLN C 630 17.31 22.71 11.55
C GLN C 630 17.12 21.49 10.67
N ILE C 631 16.99 21.69 9.36
CA ILE C 631 16.81 20.55 8.45
C ILE C 631 18.00 19.61 8.55
N ALA C 632 19.22 20.17 8.59
CA ALA C 632 20.40 19.33 8.72
C ALA C 632 20.39 18.56 10.03
N LEU C 633 20.02 19.22 11.13
CA LEU C 633 20.05 18.57 12.43
C LEU C 633 19.10 17.37 12.47
N TYR C 634 17.87 17.54 11.98
CA TYR C 634 16.91 16.45 12.02
C TYR C 634 17.31 15.32 11.08
N GLU C 635 17.64 15.66 9.83
CA GLU C 635 18.00 14.61 8.87
C GLU C 635 19.25 13.87 9.30
N CYS C 636 20.25 14.59 9.79
CA CYS C 636 21.48 13.94 10.25
C CYS C 636 21.27 13.13 11.51
N ALA C 637 20.37 13.57 12.40
CA ALA C 637 20.04 12.77 13.57
C ALA C 637 19.45 11.42 13.15
N LYS C 638 18.59 11.43 12.13
CA LYS C 638 18.09 10.18 11.58
C LYS C 638 19.23 9.37 10.96
N VAL C 639 20.16 10.04 10.30
CA VAL C 639 21.29 9.34 9.68
C VAL C 639 22.10 8.61 10.73
N GLN C 640 22.41 9.30 11.84
CA GLN C 640 23.16 8.65 12.91
C GLN C 640 22.38 7.48 13.50
N THR C 641 21.06 7.65 13.67
CA THR C 641 20.23 6.56 14.17
C THR C 641 20.30 5.36 13.23
N ALA C 642 20.22 5.60 11.93
CA ALA C 642 20.30 4.51 10.97
C ALA C 642 21.65 3.81 11.03
N TYR C 643 22.74 4.59 11.16
CA TYR C 643 24.07 3.99 11.23
C TYR C 643 24.21 3.09 12.45
N PHE C 644 23.75 3.54 13.61
CA PHE C 644 23.83 2.72 14.81
C PHE C 644 22.98 1.47 14.69
N ASN C 645 21.74 1.63 14.22
CA ASN C 645 20.82 0.50 14.16
C ASN C 645 21.30 -0.55 13.17
N ASN C 646 21.86 -0.13 12.04
CA ASN C 646 22.27 -1.08 11.03
C ASN C 646 23.35 -2.03 11.56
N MET C 647 24.35 -1.48 12.27
CA MET C 647 25.42 -2.32 12.78
C MET C 647 24.95 -3.14 13.98
N LYS C 648 24.17 -2.52 14.88
CA LYS C 648 23.70 -3.25 16.06
C LYS C 648 22.93 -4.50 15.67
N ALA C 649 22.15 -4.42 14.59
CA ALA C 649 21.27 -5.52 14.23
C ALA C 649 22.03 -6.68 13.58
N HIS C 650 23.06 -6.39 12.78
CA HIS C 650 23.67 -7.40 11.92
C HIS C 650 25.17 -7.57 12.13
N PHE C 651 25.78 -6.90 13.11
CA PHE C 651 27.21 -7.06 13.33
C PHE C 651 27.54 -8.50 13.71
N GLY C 652 26.95 -8.98 14.82
CA GLY C 652 27.23 -10.34 15.24
C GLY C 652 26.75 -11.38 14.24
N ASN C 653 25.60 -11.14 13.61
CA ASN C 653 25.07 -12.09 12.66
C ASN C 653 26.03 -12.30 11.48
N ARG C 654 26.59 -11.20 10.97
CA ARG C 654 27.54 -11.31 9.87
C ARG C 654 28.90 -11.83 10.33
N LEU C 655 29.31 -11.49 11.56
CA LEU C 655 30.57 -12.01 12.07
C LEU C 655 30.54 -13.51 12.20
N ARG C 656 29.43 -14.08 12.67
CA ARG C 656 29.31 -15.52 12.78
C ARG C 656 29.40 -16.18 11.40
N ALA C 657 28.75 -15.57 10.40
CA ALA C 657 28.84 -16.11 9.04
C ALA C 657 30.27 -16.09 8.52
N LEU C 658 30.99 -15.00 8.77
CA LEU C 658 32.39 -14.93 8.33
C LEU C 658 33.23 -15.99 9.02
N ILE C 659 33.03 -16.17 10.33
CA ILE C 659 33.80 -17.19 11.06
C ILE C 659 33.53 -18.57 10.48
N ASN C 660 32.27 -18.87 10.19
CA ASN C 660 31.94 -20.16 9.57
C ASN C 660 32.64 -20.32 8.23
N LYS C 661 32.63 -19.26 7.41
CA LYS C 661 33.32 -19.33 6.12
C LYS C 661 34.83 -19.53 6.31
N LEU C 662 35.42 -18.80 7.25
CA LEU C 662 36.84 -18.98 7.52
C LEU C 662 37.14 -20.39 8.00
N PHE C 663 36.29 -20.92 8.88
CA PHE C 663 36.43 -22.30 9.33
C PHE C 663 36.11 -23.31 8.23
N LYS C 664 35.53 -22.86 7.12
CA LYS C 664 35.16 -23.74 6.01
C LYS C 664 34.22 -24.85 6.51
N LYS C 665 33.21 -24.45 7.27
CA LYS C 665 32.26 -25.43 7.82
C LYS C 665 31.55 -26.19 6.71
N LYS C 666 31.11 -25.48 5.66
CA LYS C 666 30.43 -26.14 4.56
C LYS C 666 31.34 -27.16 3.88
N GLU C 667 32.58 -26.77 3.59
CA GLU C 667 33.49 -27.68 2.92
C GLU C 667 33.82 -28.89 3.79
N LYS C 668 34.07 -28.66 5.07
CA LYS C 668 34.40 -29.77 5.96
C LYS C 668 33.24 -30.73 6.12
N VAL C 669 32.02 -30.20 6.24
CA VAL C 669 30.84 -31.05 6.37
C VAL C 669 30.66 -31.89 5.11
N GLU C 670 30.80 -31.27 3.94
CA GLU C 670 30.65 -32.00 2.69
C GLU C 670 31.72 -33.08 2.56
N SER C 671 32.96 -32.73 2.88
CA SER C 671 34.06 -33.70 2.77
C SER C 671 33.85 -34.86 3.73
N LEU C 672 33.54 -34.56 4.99
CA LEU C 672 33.36 -35.62 5.98
C LEU C 672 32.15 -36.48 5.64
N THR C 673 31.04 -35.87 5.21
CA THR C 673 29.85 -36.64 4.89
C THR C 673 30.11 -37.60 3.73
N LYS C 674 30.77 -37.11 2.67
CA LYS C 674 31.05 -37.97 1.53
C LYS C 674 32.06 -39.05 1.87
N GLU C 675 33.04 -38.74 2.72
CA GLU C 675 34.01 -39.74 3.14
C GLU C 675 33.33 -40.86 3.92
N MET C 676 32.41 -40.51 4.81
CA MET C 676 31.71 -41.53 5.59
C MET C 676 30.71 -42.30 4.73
N GLU C 677 30.19 -41.68 3.66
CA GLU C 677 29.30 -42.40 2.76
C GLU C 677 30.02 -43.58 2.10
N ALA C 678 31.27 -43.38 1.71
CA ALA C 678 32.05 -44.47 1.15
C ALA C 678 32.18 -45.63 2.13
N ASN C 679 32.25 -45.32 3.42
CA ASN C 679 32.32 -46.35 4.47
C ASN C 679 30.94 -46.84 4.88
N ASN C 680 29.87 -46.29 4.30
CA ASN C 680 28.51 -46.76 4.57
C ASN C 680 28.14 -46.61 6.04
N PHE C 681 28.60 -45.53 6.67
CA PHE C 681 28.21 -45.25 8.04
C PHE C 681 26.77 -44.78 8.10
N SER C 682 26.08 -45.15 9.18
CA SER C 682 24.69 -44.78 9.35
C SER C 682 24.57 -43.32 9.79
N ILE C 683 23.34 -42.81 9.76
CA ILE C 683 23.09 -41.43 10.15
C ILE C 683 23.49 -41.21 11.61
N LYS C 684 23.25 -42.22 12.45
CA LYS C 684 23.62 -42.10 13.87
C LYS C 684 25.11 -41.79 14.03
N GLU C 685 25.96 -42.48 13.28
CA GLU C 685 27.39 -42.24 13.38
C GLU C 685 27.80 -40.96 12.64
N ILE C 686 27.14 -40.66 11.52
CA ILE C 686 27.51 -39.49 10.73
C ILE C 686 27.24 -38.21 11.51
N LYS C 687 26.04 -38.11 12.11
CA LYS C 687 25.68 -36.89 12.82
C LYS C 687 26.47 -36.72 14.11
N GLN C 688 27.12 -37.77 14.60
CA GLN C 688 27.99 -37.66 15.77
C GLN C 688 29.42 -37.34 15.39
N ALA C 689 29.94 -37.97 14.32
CA ALA C 689 31.28 -37.66 13.87
C ALA C 689 31.39 -36.22 13.40
N ILE C 690 30.38 -35.74 12.66
CA ILE C 690 30.39 -34.35 12.20
C ILE C 690 30.35 -33.41 13.40
N ARG C 691 29.52 -33.71 14.39
CA ARG C 691 29.44 -32.86 15.57
C ARG C 691 30.78 -32.80 16.29
N LYS C 692 31.45 -33.94 16.43
CA LYS C 692 32.72 -33.97 17.15
C LYS C 692 33.82 -33.25 16.37
N ASN C 693 33.84 -33.40 15.05
CA ASN C 693 34.95 -32.94 14.23
C ASN C 693 34.71 -31.58 13.58
N VAL C 694 33.46 -31.12 13.50
CA VAL C 694 33.17 -29.88 12.79
C VAL C 694 32.50 -28.87 13.73
N TYR C 695 31.34 -29.23 14.27
CA TYR C 695 30.57 -28.28 15.07
C TYR C 695 31.32 -27.88 16.32
N GLN C 696 31.80 -28.86 17.10
CA GLN C 696 32.47 -28.52 18.36
C GLN C 696 33.75 -27.73 18.13
N PRO C 697 34.66 -28.12 17.23
CA PRO C 697 35.83 -27.26 16.97
C PRO C 697 35.44 -25.86 16.53
N CYS C 698 34.39 -25.73 15.71
CA CYS C 698 33.95 -24.40 15.28
C CYS C 698 33.46 -23.58 16.47
N ASN C 699 32.73 -24.20 17.39
CA ASN C 699 32.27 -23.48 18.57
C ASN C 699 33.45 -23.00 19.41
N GLN C 700 34.47 -23.85 19.57
CA GLN C 700 35.65 -23.45 20.32
C GLN C 700 36.35 -22.28 19.66
N VAL C 701 36.46 -22.30 18.33
CA VAL C 701 37.08 -21.19 17.62
C VAL C 701 36.29 -19.90 17.84
N LYS C 702 34.96 -19.99 17.77
CA LYS C 702 34.14 -18.80 18.00
C LYS C 702 34.34 -18.27 19.42
N LEU C 703 34.40 -19.16 20.41
CA LEU C 703 34.62 -18.72 21.78
C LEU C 703 35.96 -18.00 21.92
N ALA C 704 37.01 -18.56 21.31
CA ALA C 704 38.32 -17.92 21.38
C ALA C 704 38.30 -16.54 20.72
N ILE C 705 37.65 -16.43 19.56
CA ILE C 705 37.55 -15.13 18.90
C ILE C 705 36.72 -14.17 19.72
N THR C 706 35.69 -14.67 20.41
CA THR C 706 34.81 -13.79 21.18
C THR C 706 35.58 -12.97 22.20
N LYS C 707 36.69 -13.49 22.72
CA LYS C 707 37.49 -12.79 23.71
C LYS C 707 38.72 -12.12 23.11
N LYS C 708 38.78 -12.00 21.78
CA LYS C 708 39.86 -11.36 21.04
C LYS C 708 41.12 -12.22 20.98
N ASN C 709 41.12 -13.41 21.57
CA ASN C 709 42.28 -14.28 21.56
C ASN C 709 42.23 -15.21 20.37
N MET C 710 43.39 -15.46 19.78
CA MET C 710 43.45 -16.34 18.61
C MET C 710 43.10 -17.78 19.00
N PRO C 711 42.52 -18.53 18.08
CA PRO C 711 42.18 -19.93 18.37
C PRO C 711 43.42 -20.81 18.37
N GLU C 712 43.22 -22.08 18.72
CA GLU C 712 44.31 -23.02 18.73
C GLU C 712 44.91 -23.17 17.34
N SER C 713 46.24 -23.24 17.27
CA SER C 713 46.91 -23.36 15.98
C SER C 713 46.54 -24.68 15.32
N GLY C 714 46.38 -24.64 13.99
CA GLY C 714 46.03 -25.78 13.20
C GLY C 714 44.55 -25.89 12.85
N LEU C 715 43.68 -25.19 13.58
CA LEU C 715 42.26 -25.20 13.27
C LEU C 715 41.92 -24.36 12.05
N LEU C 716 42.80 -23.43 11.65
CA LEU C 716 42.57 -22.56 10.52
C LEU C 716 43.82 -22.53 9.65
N ASP C 717 43.62 -22.33 8.36
CA ASP C 717 44.73 -22.28 7.41
C ASP C 717 45.47 -20.95 7.54
N ASP C 718 46.57 -20.81 6.81
CA ASP C 718 47.39 -19.60 6.90
C ASP C 718 46.60 -18.37 6.48
N LYS C 719 45.83 -18.48 5.40
CA LYS C 719 45.08 -17.33 4.90
C LYS C 719 44.07 -16.85 5.94
N SER C 720 43.35 -17.78 6.57
CA SER C 720 42.37 -17.40 7.58
C SER C 720 43.05 -16.71 8.76
N VAL C 721 44.19 -17.24 9.20
CA VAL C 721 44.90 -16.64 10.32
C VAL C 721 45.34 -15.22 9.96
N THR C 722 45.86 -15.04 8.74
CA THR C 722 46.28 -13.71 8.32
C THR C 722 45.11 -12.74 8.29
N GLN C 723 43.96 -13.18 7.78
CA GLN C 723 42.78 -12.32 7.74
C GLN C 723 42.32 -12.00 9.16
N LEU C 724 42.36 -12.97 10.07
CA LEU C 724 42.00 -12.70 11.45
C LEU C 724 42.93 -11.66 12.07
N ASN C 725 44.24 -11.79 11.82
CA ASN C 725 45.17 -10.77 12.30
C ASN C 725 44.85 -9.40 11.72
N GLU C 726 44.52 -9.35 10.43
CA GLU C 726 44.13 -8.09 9.82
C GLU C 726 42.86 -7.54 10.46
N PHE C 727 41.89 -8.43 10.73
CA PHE C 727 40.65 -7.99 11.39
C PHE C 727 40.93 -7.43 12.78
N PHE C 728 41.79 -8.11 13.55
CA PHE C 728 42.10 -7.63 14.90
C PHE C 728 42.88 -6.31 14.86
N SER C 729 43.68 -6.09 13.82
CA SER C 729 44.44 -4.84 13.72
C SER C 729 43.53 -3.63 13.66
N MET C 730 42.27 -3.80 13.24
CA MET C 730 41.34 -2.68 13.23
C MET C 730 41.13 -2.13 14.63
N TYR C 731 40.97 -3.01 15.61
CA TYR C 731 40.84 -2.58 17.00
C TYR C 731 42.20 -2.19 17.56
N ALA C 732 42.16 -1.41 18.64
CA ALA C 732 43.39 -1.07 19.35
C ALA C 732 43.97 -2.33 20.01
N VAL C 733 45.30 -2.43 20.01
CA VAL C 733 45.95 -3.63 20.52
C VAL C 733 45.60 -3.84 21.99
N ASP C 734 45.65 -2.78 22.79
CA ASP C 734 45.40 -2.90 24.22
C ASP C 734 43.91 -2.90 24.57
N TYR C 735 43.04 -2.53 23.64
CA TYR C 735 41.62 -2.50 23.93
C TYR C 735 41.08 -3.91 24.14
N THR C 736 40.20 -4.05 25.14
CA THR C 736 39.60 -5.33 25.48
C THR C 736 38.08 -5.19 25.44
N PHE C 737 37.43 -6.22 24.89
CA PHE C 737 35.97 -6.20 24.81
C PHE C 737 35.35 -6.28 26.21
N GLN C 738 34.32 -5.47 26.43
CA GLN C 738 33.68 -5.43 27.73
C GLN C 738 32.98 -6.75 28.04
N LYS C 739 33.12 -7.19 29.28
CA LYS C 739 32.54 -8.45 29.75
C LYS C 739 33.04 -9.65 28.96
N GLU C 740 34.21 -9.53 28.33
CA GLU C 740 34.82 -10.63 27.59
C GLU C 740 33.85 -11.21 26.55
N SER C 741 33.15 -10.33 25.85
CA SER C 741 32.18 -10.75 24.84
C SER C 741 32.13 -9.70 23.75
N ILE C 742 32.63 -10.04 22.56
CA ILE C 742 32.60 -9.10 21.44
C ILE C 742 31.15 -8.79 21.06
N PHE C 743 30.29 -9.80 21.03
CA PHE C 743 28.90 -9.57 20.66
C PHE C 743 28.22 -8.62 21.65
N TYR C 744 28.44 -8.83 22.95
CA TYR C 744 27.86 -7.94 23.94
C TYR C 744 28.51 -6.56 23.90
N ASP C 745 29.83 -6.52 23.66
CA ASP C 745 30.52 -5.24 23.62
C ASP C 745 30.01 -4.38 22.47
N VAL C 746 29.76 -4.98 21.31
CA VAL C 746 29.29 -4.21 20.16
C VAL C 746 27.96 -3.54 20.48
N VAL C 747 27.03 -4.29 21.08
CA VAL C 747 25.74 -3.72 21.44
C VAL C 747 25.93 -2.63 22.49
N ALA C 748 26.77 -2.89 23.49
CA ALA C 748 26.97 -1.91 24.56
C ALA C 748 27.77 -0.70 24.07
N ASN C 749 28.85 -0.93 23.32
CA ASN C 749 29.73 0.12 22.86
C ASN C 749 29.99 -0.06 21.36
N PRO C 750 28.98 0.18 20.52
CA PRO C 750 29.19 0.09 19.07
C PRO C 750 30.08 1.17 18.50
N GLU C 751 30.39 2.21 19.27
CA GLU C 751 31.17 3.33 18.74
C GLU C 751 32.57 2.90 18.30
N LYS C 752 33.07 1.78 18.81
CA LYS C 752 34.44 1.33 18.55
C LYS C 752 34.47 0.11 17.65
N HIS C 753 33.46 -0.06 16.80
CA HIS C 753 33.39 -1.22 15.92
C HIS C 753 33.00 -0.90 14.49
N PHE C 754 32.77 0.36 14.15
CA PHE C 754 32.37 0.70 12.78
C PHE C 754 33.46 0.33 11.78
N LYS C 755 34.71 0.65 12.10
CA LYS C 755 35.80 0.29 11.19
C LYS C 755 35.94 -1.23 11.07
N ALA C 756 35.79 -1.94 12.18
CA ALA C 756 35.81 -3.40 12.13
C ALA C 756 34.64 -3.92 11.30
N PHE C 757 33.47 -3.29 11.44
CA PHE C 757 32.32 -3.71 10.64
C PHE C 757 32.60 -3.54 9.15
N TYR C 758 33.23 -2.44 8.77
CA TYR C 758 33.62 -2.25 7.37
C TYR C 758 34.57 -3.34 6.92
N LYS C 759 35.56 -3.68 7.76
CA LYS C 759 36.49 -4.75 7.40
C LYS C 759 35.76 -6.07 7.30
N LEU C 760 34.80 -6.33 8.18
CA LEU C 760 33.99 -7.54 8.08
C LEU C 760 33.24 -7.58 6.76
N ALA C 761 32.66 -6.44 6.36
CA ALA C 761 31.97 -6.39 5.07
C ALA C 761 32.94 -6.65 3.92
N GLN C 762 34.13 -6.05 3.98
CA GLN C 762 35.11 -6.26 2.92
C GLN C 762 35.50 -7.73 2.80
N LEU C 763 35.72 -8.39 3.94
CA LEU C 763 36.06 -9.81 3.91
C LEU C 763 34.91 -10.63 3.35
N SER C 764 33.67 -10.30 3.73
CA SER C 764 32.52 -11.04 3.21
C SER C 764 32.43 -10.91 1.69
N GLU C 765 32.63 -9.70 1.16
CA GLU C 765 32.63 -9.51 -0.28
C GLU C 765 33.75 -10.29 -0.94
N ALA C 766 34.94 -10.31 -0.31
CA ALA C 766 36.06 -11.04 -0.89
C ALA C 766 35.76 -12.53 -1.01
N TYR C 767 34.97 -13.07 -0.09
CA TYR C 767 34.58 -14.48 -0.14
C TYR C 767 33.32 -14.72 -0.98
N GLU C 768 32.98 -13.77 -1.86
CA GLU C 768 31.85 -13.91 -2.77
C GLU C 768 30.52 -14.01 -2.03
N VAL C 769 30.48 -13.59 -0.76
CA VAL C 769 29.22 -13.59 -0.03
C VAL C 769 28.29 -12.51 -0.59
N LYS C 770 27.00 -12.70 -0.37
CA LYS C 770 26.02 -11.73 -0.87
C LYS C 770 26.31 -10.36 -0.26
N PRO C 771 26.49 -9.32 -1.08
CA PRO C 771 26.76 -7.99 -0.52
C PRO C 771 25.64 -7.53 0.39
N PHE C 772 26.01 -6.85 1.47
CA PHE C 772 25.06 -6.25 2.40
C PHE C 772 25.45 -4.80 2.64
N ALA C 773 24.44 -3.95 2.80
CA ALA C 773 24.65 -2.51 2.92
C ALA C 773 25.22 -2.20 4.30
N CYS C 774 26.53 -1.99 4.37
CA CYS C 774 27.15 -1.54 5.62
C CYS C 774 26.90 -0.07 5.87
N PHE C 775 26.87 0.74 4.82
CA PHE C 775 26.59 2.18 4.93
C PHE C 775 25.20 2.45 4.42
N PRO C 776 24.27 2.94 5.25
CA PRO C 776 22.90 3.19 4.77
C PRO C 776 22.91 4.17 3.60
N LEU C 777 22.02 3.92 2.64
CA LEU C 777 21.89 4.76 1.46
C LEU C 777 20.42 4.89 1.10
N ARG C 778 20.02 6.10 0.70
CA ARG C 778 18.65 6.36 0.24
C ARG C 778 18.62 6.19 -1.28
N ARG C 779 18.13 5.04 -1.73
CA ARG C 779 18.08 4.73 -3.15
C ARG C 779 16.75 5.09 -3.79
N THR C 780 15.67 5.13 -3.00
CA THR C 780 14.36 5.46 -3.56
C THR C 780 14.35 6.88 -4.11
N PHE C 781 13.79 7.04 -5.31
CA PHE C 781 13.70 8.34 -5.94
C PHE C 781 12.44 9.11 -5.55
N ILE C 782 11.42 8.42 -5.04
CA ILE C 782 10.20 9.11 -4.60
C ILE C 782 10.52 9.97 -3.39
N PRO C 783 9.98 11.19 -3.29
CA PRO C 783 10.25 12.01 -2.11
C PRO C 783 9.81 11.32 -0.83
N CYS C 784 10.57 11.54 0.23
CA CYS C 784 10.32 10.94 1.53
C CYS C 784 9.89 12.02 2.53
N TYR C 785 9.36 11.57 3.66
CA TYR C 785 8.88 12.47 4.69
C TYR C 785 10.04 13.27 5.29
N MET C 786 9.77 14.53 5.60
CA MET C 786 10.74 15.40 6.27
C MET C 786 10.04 16.17 7.38
N THR C 787 10.76 16.39 8.46
CA THR C 787 10.21 17.14 9.58
C THR C 787 10.02 18.60 9.20
N VAL C 788 8.95 19.20 9.73
CA VAL C 788 8.64 20.61 9.51
C VAL C 788 8.52 21.25 10.89
N ASP C 789 9.64 21.80 11.37
CA ASP C 789 9.67 22.48 12.65
C ASP C 789 9.05 23.87 12.51
N SER C 790 8.74 24.49 13.65
CA SER C 790 8.20 25.84 13.64
C SER C 790 9.15 26.80 12.95
N LYS C 791 10.45 26.70 13.24
CA LYS C 791 11.44 27.53 12.56
C LYS C 791 11.46 27.24 11.06
N ILE C 792 11.41 25.97 10.68
CA ILE C 792 11.42 25.62 9.27
C ILE C 792 10.19 26.19 8.57
N LEU C 793 9.02 26.09 9.20
CA LEU C 793 7.83 26.72 8.65
C LEU C 793 7.99 28.23 8.57
N ASN C 794 8.59 28.83 9.60
CA ASN C 794 8.72 30.28 9.63
C ASN C 794 9.60 30.79 8.48
N TYR C 795 10.71 30.11 8.21
CA TYR C 795 11.68 30.60 7.23
C TYR C 795 11.40 30.04 5.84
N HIS C 796 11.42 28.71 5.70
CA HIS C 796 11.34 28.11 4.37
C HIS C 796 9.97 28.26 3.75
N ILE C 797 8.90 28.09 4.53
CA ILE C 797 7.55 28.08 3.98
C ILE C 797 6.96 29.48 4.05
N LEU C 798 6.82 30.02 5.26
CA LEU C 798 6.25 31.35 5.42
C LEU C 798 7.14 32.45 4.84
N LYS C 799 8.39 32.15 4.53
CA LYS C 799 9.33 33.14 3.98
C LYS C 799 9.53 34.31 4.93
N ASN C 800 9.34 34.07 6.23
CA ASN C 800 9.58 35.11 7.21
C ASN C 800 11.08 35.38 7.34
N LYS C 801 11.39 36.57 7.85
CA LYS C 801 12.78 37.04 7.92
C LYS C 801 13.12 37.56 9.31
N LYS C 802 12.51 37.01 10.35
CA LYS C 802 12.80 37.41 11.71
C LYS C 802 12.52 36.24 12.66
N VAL C 803 13.05 36.37 13.88
CA VAL C 803 12.92 35.30 14.86
C VAL C 803 11.45 35.06 15.19
N LEU C 804 11.10 33.79 15.40
CA LEU C 804 9.76 33.38 15.79
C LEU C 804 9.80 32.87 17.22
N LYS C 805 9.26 33.65 18.15
CA LYS C 805 9.25 33.26 19.55
C LYS C 805 8.23 32.14 19.78
N MET C 806 8.45 31.41 20.88
CA MET C 806 7.58 30.27 21.19
C MET C 806 6.13 30.70 21.35
N ASP C 807 5.90 31.90 21.89
CA ASP C 807 4.53 32.36 22.10
C ASP C 807 3.79 32.50 20.77
N GLU C 808 4.48 33.01 19.74
CA GLU C 808 3.88 33.14 18.41
C GLU C 808 3.96 31.85 17.61
N LYS C 809 4.51 30.77 18.18
CA LYS C 809 4.62 29.52 17.45
C LYS C 809 3.27 29.03 16.97
N PHE C 810 2.28 29.02 17.85
CA PHE C 810 0.93 28.59 17.45
C PHE C 810 0.33 29.55 16.44
N ASN C 811 0.53 30.86 16.64
CA ASN C 811 -0.02 31.83 15.70
C ASN C 811 0.55 31.63 14.30
N ALA C 812 1.85 31.39 14.19
CA ALA C 812 2.45 31.14 12.89
C ALA C 812 1.89 29.88 12.25
N TRP C 813 1.71 28.82 13.03
CA TRP C 813 1.17 27.58 12.50
C TRP C 813 -0.24 27.77 11.96
N GLY C 814 -1.07 28.52 12.69
CA GLY C 814 -2.45 28.71 12.26
C GLY C 814 -2.59 29.45 10.95
N ARG C 815 -1.55 30.15 10.51
CA ARG C 815 -1.60 30.89 9.26
C ARG C 815 -1.51 30.01 8.03
N VAL C 816 -1.08 28.75 8.17
CA VAL C 816 -0.91 27.86 7.03
C VAL C 816 -1.89 26.69 7.12
N VAL C 817 -2.29 26.34 8.35
CA VAL C 817 -3.18 25.22 8.58
C VAL C 817 -4.29 25.65 9.53
N ASN C 818 -5.39 24.90 9.49
CA ASN C 818 -6.55 25.16 10.35
C ASN C 818 -6.37 24.38 11.65
N LEU C 819 -6.20 25.11 12.76
CA LEU C 819 -6.02 24.48 14.06
C LEU C 819 -7.34 24.05 14.70
N GLU C 820 -8.48 24.41 14.10
CA GLU C 820 -9.77 24.05 14.66
C GLU C 820 -10.18 22.62 14.32
N ARG C 821 -9.45 21.94 13.44
CA ARG C 821 -9.78 20.57 13.09
C ARG C 821 -9.57 19.65 14.28
N LYS C 822 -10.36 18.58 14.33
CA LYS C 822 -10.24 17.62 15.44
C LYS C 822 -8.87 16.95 15.44
N ALA C 823 -8.23 16.82 14.28
CA ALA C 823 -6.93 16.16 14.22
C ALA C 823 -5.89 16.94 15.01
N PHE C 824 -5.88 18.27 14.87
CA PHE C 824 -4.90 19.08 15.58
C PHE C 824 -5.24 19.25 17.06
N LYS C 825 -6.53 19.29 17.41
CA LYS C 825 -6.93 19.51 18.78
C LYS C 825 -6.44 18.36 19.67
N SER C 826 -6.63 18.56 20.99
CA SER C 826 -6.17 17.59 21.98
C SER C 826 -6.72 16.20 21.69
N GLN C 827 -6.04 15.17 22.22
CA GLN C 827 -6.43 13.79 21.98
C GLN C 827 -5.98 12.94 23.15
N GLY C 828 -6.57 11.75 23.26
CA GLY C 828 -6.21 10.82 24.30
C GLY C 828 -7.05 10.99 25.55
N CYS C 829 -6.76 10.11 26.53
CA CYS C 829 -7.49 10.14 27.79
C CYS C 829 -7.29 11.47 28.49
N LYS C 830 -8.39 12.06 28.95
CA LYS C 830 -8.40 13.32 29.69
C LYS C 830 -7.90 14.48 28.85
N LYS C 831 -7.75 14.30 27.54
CA LYS C 831 -7.28 15.37 26.64
C LYS C 831 -5.97 15.96 27.14
N THR C 832 -5.07 15.10 27.60
CA THR C 832 -3.78 15.51 28.13
C THR C 832 -2.68 15.52 27.07
N LEU C 833 -2.99 15.16 25.83
CA LEU C 833 -2.03 15.19 24.73
C LEU C 833 -2.29 16.41 23.86
N HIS C 834 -1.24 17.15 23.56
CA HIS C 834 -1.35 18.40 22.83
C HIS C 834 -0.41 18.39 21.63
N PHE C 835 -0.77 19.15 20.60
CA PHE C 835 0.05 19.29 19.42
C PHE C 835 1.09 20.38 19.64
N GLN C 836 2.37 20.03 19.50
CA GLN C 836 3.48 20.92 19.81
C GLN C 836 4.09 21.54 18.56
N GLY C 837 3.28 21.81 17.54
CA GLY C 837 3.78 22.48 16.35
C GLY C 837 4.88 21.73 15.63
N THR C 838 4.80 20.41 15.58
CA THR C 838 5.78 19.59 14.89
C THR C 838 5.06 18.49 14.11
N LEU C 839 5.50 18.28 12.87
CA LEU C 839 4.87 17.27 12.02
C LEU C 839 5.86 16.88 10.93
N GLU C 840 5.51 15.83 10.20
CA GLU C 840 6.29 15.33 9.09
C GLU C 840 5.42 15.26 7.84
N THR C 841 6.02 15.53 6.69
CA THR C 841 5.28 15.52 5.44
C THR C 841 6.23 15.21 4.30
N ASP C 842 5.71 14.53 3.28
CA ASP C 842 6.45 14.22 2.06
C ASP C 842 5.86 14.91 0.84
N GLY C 843 5.00 15.91 1.02
CA GLY C 843 4.35 16.61 -0.05
C GLY C 843 2.94 16.16 -0.34
N VAL C 844 2.56 14.96 0.11
CA VAL C 844 1.20 14.46 -0.06
C VAL C 844 0.63 14.11 1.31
N GLY C 845 1.27 13.17 2.00
CA GLY C 845 0.83 12.79 3.32
C GLY C 845 1.44 13.65 4.41
N VAL C 846 0.74 13.72 5.54
CA VAL C 846 1.16 14.52 6.69
C VAL C 846 1.01 13.67 7.94
N SER C 847 2.01 13.73 8.82
CA SER C 847 2.00 13.02 10.09
C SER C 847 2.08 14.06 11.21
N ILE C 848 1.00 14.19 11.98
CA ILE C 848 0.91 15.16 13.06
C ILE C 848 1.28 14.47 14.36
N LEU C 849 2.29 14.99 15.05
CA LEU C 849 2.80 14.39 16.27
C LEU C 849 2.24 15.11 17.49
N LYS C 850 1.88 14.34 18.51
CA LYS C 850 1.35 14.87 19.75
C LYS C 850 2.10 14.23 20.93
N GLN C 851 2.43 15.06 21.92
CA GLN C 851 3.12 14.59 23.11
C GLN C 851 2.61 15.35 24.33
N ASN C 852 2.81 14.75 25.50
CA ASN C 852 2.31 15.30 26.77
C ASN C 852 3.43 15.91 27.60
N THR C 853 4.53 16.31 26.97
CA THR C 853 5.66 16.89 27.69
C THR C 853 6.15 18.13 26.93
N ASP C 854 6.81 19.01 27.66
CA ASP C 854 7.35 20.22 27.07
C ASP C 854 8.54 19.87 26.17
N THR C 855 8.85 20.81 25.27
CA THR C 855 9.95 20.63 24.32
C THR C 855 11.30 21.03 24.90
N ASN C 856 11.35 21.50 26.14
CA ASN C 856 12.61 21.91 26.74
C ASN C 856 13.53 20.71 26.89
N ARG C 857 14.80 20.89 26.54
CA ARG C 857 15.80 19.85 26.68
C ARG C 857 16.84 20.21 27.73
N LYS C 874 1.35 -16.03 27.53
CA LYS C 874 1.15 -17.24 28.32
C LYS C 874 0.59 -18.37 27.47
N TYR C 875 1.31 -19.49 27.41
CA TYR C 875 0.79 -20.68 26.74
C TYR C 875 -0.40 -21.22 27.51
N ILE C 876 -1.39 -21.74 26.77
CA ILE C 876 -2.61 -22.21 27.40
C ILE C 876 -2.32 -23.37 28.35
N GLU C 877 -1.26 -24.12 28.09
CA GLU C 877 -0.92 -25.25 28.95
C GLU C 877 -0.50 -24.81 30.34
N LYS C 878 0.19 -23.67 30.44
CA LYS C 878 0.78 -23.21 31.69
C LYS C 878 -0.12 -22.23 32.45
N LEU C 879 -1.35 -22.02 31.99
CA LEU C 879 -2.24 -21.09 32.67
C LEU C 879 -2.60 -21.59 34.07
N GLU C 880 -2.79 -20.64 34.98
CA GLU C 880 -3.15 -20.97 36.34
C GLU C 880 -4.61 -21.43 36.40
N ASP C 881 -4.94 -22.14 37.49
CA ASP C 881 -6.30 -22.65 37.65
C ASP C 881 -7.33 -21.52 37.66
N ALA C 882 -6.97 -20.37 38.25
CA ALA C 882 -7.91 -19.26 38.32
C ALA C 882 -8.24 -18.68 36.95
N GLU C 883 -7.44 -18.97 35.93
CA GLU C 883 -7.64 -18.43 34.59
C GLU C 883 -8.17 -19.47 33.62
N LEU C 884 -7.55 -20.65 33.55
CA LEU C 884 -7.96 -21.65 32.56
C LEU C 884 -9.39 -22.11 32.81
N LYS C 885 -9.76 -22.34 34.07
CA LYS C 885 -11.08 -22.87 34.37
C LYS C 885 -12.20 -21.85 34.18
N GLN C 886 -11.87 -20.57 34.03
CA GLN C 886 -12.87 -19.52 33.83
C GLN C 886 -13.07 -19.17 32.36
N THR C 887 -12.39 -19.85 31.45
CA THR C 887 -12.52 -19.61 30.02
C THR C 887 -13.45 -20.60 29.33
N LEU C 888 -14.16 -21.43 30.09
CA LEU C 888 -15.03 -22.43 29.50
C LEU C 888 -16.10 -21.77 28.64
N GLY C 889 -16.30 -22.30 27.44
CA GLY C 889 -17.33 -21.80 26.55
C GLY C 889 -17.00 -20.52 25.83
N LYS C 890 -15.73 -20.08 25.86
CA LYS C 890 -15.35 -18.83 25.20
C LYS C 890 -14.01 -18.93 24.47
N CYS C 891 -13.56 -20.14 24.14
CA CYS C 891 -12.27 -20.35 23.48
C CYS C 891 -12.47 -20.54 21.99
N VAL C 892 -11.68 -19.83 21.20
CA VAL C 892 -11.68 -19.94 19.75
C VAL C 892 -10.29 -20.35 19.29
N LEU C 893 -10.23 -21.35 18.42
CA LEU C 893 -8.97 -21.92 17.97
C LEU C 893 -8.63 -21.38 16.59
N MET C 894 -7.43 -20.81 16.46
CA MET C 894 -6.98 -20.21 15.21
C MET C 894 -5.73 -20.93 14.73
N ASP C 895 -5.72 -21.31 13.45
CA ASP C 895 -4.59 -21.97 12.83
C ASP C 895 -4.00 -21.06 11.76
N PRO C 896 -2.82 -20.48 11.95
CA PRO C 896 -2.26 -19.57 10.94
C PRO C 896 -1.65 -20.35 9.78
N GLY C 897 -2.18 -20.12 8.58
CA GLY C 897 -1.69 -20.75 7.38
C GLY C 897 -0.81 -19.82 6.56
N ARG C 898 -0.45 -20.28 5.37
CA ARG C 898 0.36 -19.49 4.45
C ARG C 898 -0.52 -18.71 3.47
N ARG C 899 -1.33 -19.42 2.68
CA ARG C 899 -2.27 -18.74 1.80
C ARG C 899 -3.47 -18.20 2.58
N ASP C 900 -3.92 -18.93 3.59
CA ASP C 900 -4.99 -18.48 4.48
C ASP C 900 -4.34 -17.92 5.75
N LEU C 901 -4.55 -16.63 6.00
CA LEU C 901 -3.89 -15.98 7.13
C LEU C 901 -4.36 -16.59 8.45
N LEU C 902 -5.65 -16.88 8.56
CA LEU C 902 -6.22 -17.45 9.78
C LEU C 902 -7.37 -18.37 9.44
N TYR C 903 -7.48 -19.47 10.18
CA TYR C 903 -8.59 -20.40 10.08
C TYR C 903 -9.14 -20.56 11.49
N CYS C 904 -10.28 -19.90 11.76
CA CYS C 904 -10.83 -19.80 13.10
C CYS C 904 -12.03 -20.74 13.24
N MET C 905 -12.02 -21.54 14.31
CA MET C 905 -13.11 -22.45 14.63
C MET C 905 -13.50 -22.25 16.08
N LYS C 906 -14.80 -22.18 16.34
CA LYS C 906 -15.31 -22.07 17.70
C LYS C 906 -15.43 -23.45 18.32
N GLU C 907 -15.15 -23.54 19.62
CA GLU C 907 -15.15 -24.84 20.30
C GLU C 907 -16.53 -25.48 20.31
N THR C 908 -17.59 -24.71 20.06
CA THR C 908 -18.94 -25.25 20.00
C THR C 908 -19.33 -25.72 18.60
N SER C 909 -18.41 -25.66 17.64
CA SER C 909 -18.73 -26.06 16.28
C SER C 909 -19.05 -27.54 16.20
N ARG C 910 -19.96 -27.89 15.30
CA ARG C 910 -20.34 -29.27 15.03
C ARG C 910 -20.37 -29.49 13.53
N ALA C 911 -20.57 -30.76 13.14
CA ALA C 911 -20.63 -31.08 11.72
C ALA C 911 -21.80 -30.38 11.03
N ASP C 912 -22.96 -30.34 11.70
CA ASP C 912 -24.14 -29.68 11.16
C ASP C 912 -24.24 -28.23 11.60
N LYS C 913 -23.26 -27.72 12.35
CA LYS C 913 -23.25 -26.33 12.83
C LYS C 913 -21.83 -25.81 12.63
N LYS C 914 -21.60 -25.18 11.48
CA LYS C 914 -20.27 -24.76 11.07
C LYS C 914 -20.02 -23.32 11.52
N GLU C 915 -19.36 -23.17 12.66
CA GLU C 915 -18.91 -21.86 13.12
C GLU C 915 -17.46 -21.62 12.71
N ILE C 916 -17.23 -21.67 11.40
CA ILE C 916 -15.89 -21.58 10.83
C ILE C 916 -15.74 -20.24 10.13
N MET C 917 -14.59 -19.60 10.32
CA MET C 917 -14.26 -18.35 9.67
C MET C 917 -12.87 -18.50 9.03
N ILE C 918 -12.74 -18.01 7.80
CA ILE C 918 -11.49 -18.07 7.05
C ILE C 918 -11.10 -16.66 6.68
N PHE C 919 -9.90 -16.24 7.06
CA PHE C 919 -9.35 -14.94 6.71
C PHE C 919 -8.19 -15.18 5.75
N THR C 920 -8.42 -14.94 4.46
CA THR C 920 -7.46 -15.29 3.43
C THR C 920 -6.46 -14.16 3.21
N LYS C 921 -5.34 -14.50 2.57
CA LYS C 921 -4.33 -13.51 2.23
C LYS C 921 -4.83 -12.53 1.17
N ASN C 922 -5.75 -12.98 0.31
CA ASN C 922 -6.26 -12.10 -0.74
C ASN C 922 -6.98 -10.90 -0.17
N ASP C 923 -7.69 -11.08 0.95
CA ASP C 923 -8.45 -9.98 1.53
C ASP C 923 -7.54 -8.82 1.92
N ARG C 924 -6.42 -9.13 2.58
CA ARG C 924 -5.51 -8.07 3.02
C ARG C 924 -4.71 -7.51 1.85
N SER C 925 -4.22 -8.38 0.96
CA SER C 925 -3.36 -7.96 -0.13
C SER C 925 -4.13 -7.49 -1.36
N LYS C 926 -5.43 -7.24 -1.24
CA LYS C 926 -6.22 -6.81 -2.39
C LYS C 926 -5.71 -5.47 -2.91
N CYS C 927 -5.57 -4.47 -2.03
CA CYS C 927 -5.17 -3.15 -2.47
C CYS C 927 -3.70 -3.12 -2.86
N SER C 928 -2.83 -3.71 -2.04
CA SER C 928 -1.40 -3.66 -2.31
C SER C 928 -1.08 -4.33 -3.65
N ARG C 929 -1.68 -5.49 -3.91
CA ARG C 929 -1.46 -6.16 -5.19
C ARG C 929 -2.02 -5.34 -6.35
N HIS C 930 -3.17 -4.69 -6.14
CA HIS C 930 -3.78 -3.89 -7.21
C HIS C 930 -2.86 -2.73 -7.59
N PHE C 931 -2.33 -2.02 -6.60
CA PHE C 931 -1.42 -0.91 -6.90
C PHE C 931 -0.17 -1.40 -7.63
N ARG C 932 0.38 -2.52 -7.19
CA ARG C 932 1.59 -3.04 -7.81
C ARG C 932 1.34 -3.40 -9.28
N ARG C 933 0.19 -4.01 -9.55
CA ARG C 933 -0.15 -4.33 -10.94
C ARG C 933 -0.30 -3.07 -11.77
N LEU C 934 -0.96 -2.05 -11.23
CA LEU C 934 -1.11 -0.79 -11.97
C LEU C 934 0.24 -0.15 -12.27
N ARG C 935 1.13 -0.14 -11.28
CA ARG C 935 2.42 0.51 -11.46
C ARG C 935 3.25 -0.20 -12.53
N LYS C 936 3.21 -1.54 -12.54
CA LYS C 936 4.02 -2.29 -13.49
C LYS C 936 3.45 -2.22 -14.91
N LEU C 937 2.22 -1.75 -15.07
CA LEU C 937 1.60 -1.64 -16.39
C LEU C 937 1.74 -0.24 -16.99
N LEU C 938 1.70 0.79 -16.14
CA LEU C 938 1.78 2.17 -16.61
C LEU C 938 3.20 2.71 -16.64
N GLN C 939 4.20 1.89 -16.36
CA GLN C 939 5.58 2.34 -16.35
C GLN C 939 6.02 2.67 -17.77
N PRO C 940 6.46 3.89 -18.05
CA PRO C 940 6.91 4.22 -19.42
C PRO C 940 8.11 3.39 -19.82
N SER C 941 8.24 3.15 -21.12
CA SER C 941 9.36 2.36 -21.63
C SER C 941 10.69 2.94 -21.20
N GLN C 942 10.82 4.27 -21.22
CA GLN C 942 12.08 4.88 -20.80
C GLN C 942 12.36 4.62 -19.33
N ILE C 943 11.33 4.71 -18.48
CA ILE C 943 11.53 4.55 -17.05
C ILE C 943 12.01 3.14 -16.73
N ARG C 944 11.37 2.12 -17.32
CA ARG C 944 11.75 0.75 -17.05
C ARG C 944 13.18 0.48 -17.51
N GLU C 945 13.55 1.00 -18.68
CA GLU C 945 14.91 0.84 -19.17
C GLU C 945 15.91 1.49 -18.22
N ALA C 946 15.59 2.69 -17.73
CA ALA C 946 16.47 3.36 -16.78
C ALA C 946 16.59 2.56 -15.48
N GLU C 947 15.47 2.03 -14.99
CA GLU C 947 15.51 1.23 -13.77
C GLU C 947 16.35 -0.03 -13.96
N THR C 948 16.19 -0.70 -15.11
CA THR C 948 16.98 -1.89 -15.37
C THR C 948 18.46 -1.56 -15.44
N TYR C 949 18.82 -0.47 -16.11
CA TYR C 949 20.22 -0.06 -16.18
C TYR C 949 20.77 0.27 -14.81
N LEU C 950 20.00 0.99 -13.99
CA LEU C 950 20.48 1.37 -12.67
C LEU C 950 20.62 0.16 -11.76
N SER C 951 19.72 -0.81 -11.89
CA SER C 951 19.74 -1.99 -11.03
C SER C 951 20.94 -2.89 -11.28
N GLY C 952 21.68 -2.68 -12.37
CA GLY C 952 22.83 -3.52 -12.67
C GLY C 952 24.04 -3.25 -11.81
N PHE C 953 24.01 -2.18 -11.01
CA PHE C 953 25.12 -1.81 -10.16
C PHE C 953 24.82 -2.19 -8.71
N ALA C 954 25.78 -2.83 -8.05
CA ALA C 954 25.60 -3.29 -6.67
C ALA C 954 25.86 -2.12 -5.73
N THR C 955 24.79 -1.48 -5.27
CA THR C 955 24.93 -0.35 -4.35
C THR C 955 25.54 -0.78 -3.03
N LYS C 956 25.13 -1.95 -2.52
CA LYS C 956 25.58 -2.40 -1.21
C LYS C 956 27.08 -2.70 -1.19
N SER C 957 27.71 -2.88 -2.34
CA SER C 957 29.13 -3.17 -2.37
C SER C 957 29.93 -1.99 -1.84
N VAL C 958 31.03 -2.29 -1.14
CA VAL C 958 31.88 -1.27 -0.55
C VAL C 958 33.08 -0.94 -1.43
N ASN C 959 33.21 -1.57 -2.60
CA ASN C 959 34.33 -1.30 -3.48
C ASN C 959 34.26 0.13 -4.01
N MET C 960 35.42 0.79 -4.06
CA MET C 960 35.46 2.17 -4.52
C MET C 960 35.03 2.28 -5.98
N GLU C 961 35.58 1.43 -6.84
CA GLU C 961 35.28 1.53 -8.27
C GLU C 961 33.81 1.28 -8.54
N LYS C 962 33.25 0.23 -7.93
CA LYS C 962 31.84 -0.08 -8.16
C LYS C 962 30.93 1.02 -7.64
N PHE C 963 31.24 1.55 -6.45
CA PHE C 963 30.41 2.62 -5.90
C PHE C 963 30.46 3.86 -6.78
N VAL C 964 31.63 4.21 -7.29
CA VAL C 964 31.74 5.37 -8.18
C VAL C 964 30.93 5.14 -9.45
N GLU C 965 31.01 3.93 -10.01
CA GLU C 965 30.22 3.63 -11.20
C GLU C 965 28.73 3.76 -10.94
N TYR C 966 28.28 3.30 -9.76
CA TYR C 966 26.87 3.44 -9.42
C TYR C 966 26.47 4.91 -9.33
N ILE C 967 27.33 5.73 -8.72
CA ILE C 967 27.02 7.16 -8.59
C ILE C 967 26.86 7.79 -9.97
N GLN C 968 27.79 7.48 -10.88
CA GLN C 968 27.69 8.02 -12.24
C GLN C 968 26.44 7.52 -12.93
N ALA C 969 26.12 6.22 -12.78
CA ALA C 969 24.92 5.68 -13.39
C ALA C 969 23.67 6.34 -12.83
N ARG C 970 23.61 6.52 -11.51
CA ARG C 970 22.46 7.18 -10.91
C ARG C 970 22.33 8.62 -11.39
N ALA C 971 23.44 9.35 -11.41
CA ALA C 971 23.40 10.76 -11.81
C ALA C 971 23.04 10.92 -13.28
N SER C 972 23.27 9.89 -14.10
CA SER C 972 22.97 10.01 -15.52
C SER C 972 21.47 10.13 -15.77
N VAL C 973 20.65 9.51 -14.93
CA VAL C 973 19.21 9.49 -15.14
C VAL C 973 18.49 9.95 -13.88
N LYS C 974 19.20 10.64 -12.98
CA LYS C 974 18.56 11.13 -11.76
C LYS C 974 17.46 12.13 -12.08
N ASP C 975 17.71 13.02 -13.04
CA ASP C 975 16.73 14.06 -13.35
C ASP C 975 15.43 13.45 -13.89
N ILE C 976 15.55 12.53 -14.85
CA ILE C 976 14.35 11.94 -15.44
C ILE C 976 13.59 11.14 -14.40
N LEU C 977 14.29 10.36 -13.57
CA LEU C 977 13.61 9.56 -12.56
C LEU C 977 12.89 10.45 -11.55
N TYR C 978 13.55 11.53 -11.10
CA TYR C 978 12.90 12.44 -10.18
C TYR C 978 11.68 13.10 -10.82
N GLU C 979 11.80 13.49 -12.09
CA GLU C 979 10.66 14.10 -12.78
C GLU C 979 9.49 13.12 -12.87
N TYR C 980 9.77 11.86 -13.20
CA TYR C 980 8.70 10.88 -13.33
C TYR C 980 8.03 10.61 -11.99
N TYR C 981 8.84 10.33 -10.96
CA TYR C 981 8.29 10.05 -9.63
C TYR C 981 7.83 11.30 -8.91
N GLY C 982 8.27 12.48 -9.34
CA GLY C 982 7.87 13.72 -8.71
C GLY C 982 6.75 14.42 -9.46
N ASN C 983 6.06 13.68 -10.33
CA ASN C 983 5.00 14.27 -11.15
C ASN C 983 3.85 14.80 -10.31
N GLU C 984 3.70 14.34 -9.08
CA GLU C 984 2.58 14.77 -8.26
C GLU C 984 2.63 16.28 -8.00
N THR C 985 3.80 16.80 -7.70
CA THR C 985 3.97 18.20 -7.35
C THR C 985 4.90 18.96 -8.28
N ALA C 986 6.03 18.36 -8.67
CA ALA C 986 6.97 19.04 -9.53
C ALA C 986 6.37 19.27 -10.91
N LYS C 987 6.72 20.41 -11.51
CA LYS C 987 6.25 20.71 -12.87
C LYS C 987 6.70 19.62 -13.83
N SER C 988 5.77 19.18 -14.68
CA SER C 988 6.03 18.14 -15.67
C SER C 988 6.13 18.78 -17.04
N ILE C 989 7.32 18.71 -17.64
CA ILE C 989 7.54 19.24 -18.97
C ILE C 989 7.76 18.14 -20.00
N THR C 990 8.21 16.96 -19.58
CA THR C 990 8.47 15.85 -20.49
C THR C 990 7.27 14.91 -20.52
N GLU C 991 6.87 14.51 -21.72
CA GLU C 991 5.75 13.60 -21.92
C GLU C 991 6.30 12.19 -22.12
N PHE C 992 5.84 11.25 -21.29
CA PHE C 992 6.34 9.89 -21.31
C PHE C 992 5.54 8.96 -22.21
N TYR C 993 4.50 9.46 -22.88
CA TYR C 993 3.65 8.63 -23.73
C TYR C 993 3.47 9.30 -25.09
N PRO C 994 4.53 9.44 -25.86
CA PRO C 994 4.41 10.00 -27.20
C PRO C 994 3.83 8.99 -28.18
N GLU C 995 3.21 9.52 -29.24
CA GLU C 995 2.64 8.69 -30.31
C GLU C 995 1.68 7.65 -29.75
N SER C 996 0.88 8.03 -28.77
CA SER C 996 -0.07 7.15 -28.12
C SER C 996 -1.47 7.74 -28.23
N GLN C 997 -2.43 6.91 -28.63
CA GLN C 997 -3.83 7.30 -28.75
C GLN C 997 -4.64 6.64 -27.65
N PHE C 998 -5.45 7.43 -26.96
CA PHE C 998 -6.26 6.95 -25.85
C PHE C 998 -7.74 7.09 -26.19
N ASP C 999 -8.54 6.18 -25.64
CA ASP C 999 -9.97 6.16 -25.90
C ASP C 999 -10.70 5.67 -24.65
N PHE C 1000 -11.97 6.04 -24.54
CA PHE C 1000 -12.78 5.64 -23.41
C PHE C 1000 -13.32 4.23 -23.59
N LYS C 1001 -13.73 3.62 -22.47
CA LYS C 1001 -14.34 2.31 -22.49
C LYS C 1001 -15.22 2.16 -21.26
N VAL C 1002 -16.17 1.24 -21.34
CA VAL C 1002 -17.14 1.00 -20.27
C VAL C 1002 -17.15 -0.49 -19.96
N ASP C 1003 -17.13 -0.82 -18.67
CA ASP C 1003 -17.14 -2.21 -18.22
C ASP C 1003 -18.57 -2.65 -17.93
N GLN C 1004 -18.72 -3.84 -17.34
CA GLN C 1004 -20.05 -4.36 -17.06
C GLN C 1004 -20.78 -3.48 -16.05
N LYS C 1005 -20.07 -3.00 -15.03
CA LYS C 1005 -20.68 -2.18 -13.98
C LYS C 1005 -20.88 -0.72 -14.41
N CYS C 1006 -20.77 -0.42 -15.70
CA CYS C 1006 -20.99 0.92 -16.22
C CYS C 1006 -20.00 1.93 -15.64
N ASN C 1007 -18.76 1.49 -15.42
CA ASN C 1007 -17.70 2.37 -14.97
C ASN C 1007 -16.92 2.86 -16.18
N LEU C 1008 -16.86 4.18 -16.36
CA LEU C 1008 -16.19 4.79 -17.50
C LEU C 1008 -14.69 4.87 -17.20
N TYR C 1009 -13.90 4.14 -17.99
CA TYR C 1009 -12.45 4.10 -17.83
C TYR C 1009 -11.78 4.73 -19.03
N TYR C 1010 -10.90 5.71 -18.79
CA TYR C 1010 -10.08 6.32 -19.83
C TYR C 1010 -8.72 5.65 -19.76
N GLU C 1011 -8.58 4.55 -20.51
CA GLU C 1011 -7.40 3.70 -20.45
C GLU C 1011 -7.28 3.08 -19.07
N ASN C 1012 -6.94 3.88 -18.07
CA ASN C 1012 -6.86 3.40 -16.69
C ASN C 1012 -7.57 4.33 -15.73
N LEU C 1013 -7.70 5.61 -16.10
CA LEU C 1013 -8.35 6.59 -15.24
C LEU C 1013 -9.80 6.20 -15.00
N PHE C 1014 -10.24 6.32 -13.75
CA PHE C 1014 -11.63 6.11 -13.38
C PHE C 1014 -12.35 7.45 -13.43
N VAL C 1015 -13.32 7.57 -14.35
CA VAL C 1015 -14.03 8.83 -14.54
C VAL C 1015 -15.22 8.87 -13.57
N ALA C 1016 -16.13 7.91 -13.71
CA ALA C 1016 -17.33 7.86 -12.88
C ALA C 1016 -18.15 6.64 -13.31
N LYS C 1017 -19.22 6.39 -12.58
CA LYS C 1017 -20.15 5.31 -12.89
C LYS C 1017 -21.39 5.89 -13.55
N ILE C 1018 -21.70 5.42 -14.76
CA ILE C 1018 -22.85 5.89 -15.51
C ILE C 1018 -24.04 5.01 -15.10
N ARG C 1019 -24.81 5.49 -14.13
CA ARG C 1019 -25.93 4.72 -13.60
C ARG C 1019 -27.07 4.56 -14.60
N GLY C 1020 -27.06 5.31 -15.70
CA GLY C 1020 -28.10 5.21 -16.71
C GLY C 1020 -27.57 4.77 -18.05
N PHE C 1021 -26.65 3.80 -18.05
CA PHE C 1021 -25.98 3.36 -19.27
C PHE C 1021 -26.64 2.15 -19.92
N TYR C 1022 -27.37 1.34 -19.16
CA TYR C 1022 -27.98 0.15 -19.75
C TYR C 1022 -28.97 0.48 -20.85
N PRO C 1023 -29.91 1.42 -20.68
CA PRO C 1023 -30.84 1.74 -21.77
C PRO C 1023 -30.10 2.16 -23.03
N GLN C 1024 -30.24 1.35 -24.08
CA GLN C 1024 -29.56 1.61 -25.34
C GLN C 1024 -30.40 1.03 -26.47
N PRO C 1025 -30.26 1.57 -27.69
CA PRO C 1025 -30.88 0.94 -28.85
C PRO C 1025 -30.06 -0.23 -29.36
N GLU C 1026 -30.42 -0.78 -30.51
CA GLU C 1026 -29.63 -1.86 -31.10
C GLU C 1026 -28.19 -1.42 -31.25
N HIS C 1027 -27.26 -2.29 -30.83
CA HIS C 1027 -25.87 -1.91 -30.73
C HIS C 1027 -25.23 -1.76 -32.11
N GLU C 1028 -24.14 -0.99 -32.15
CA GLU C 1028 -23.32 -0.81 -33.34
C GLU C 1028 -24.11 -0.21 -34.49
N PRO C 1029 -24.52 1.06 -34.39
CA PRO C 1029 -25.10 1.74 -35.55
C PRO C 1029 -24.08 1.91 -36.66
N ASN C 1030 -24.57 1.93 -37.90
CA ASN C 1030 -23.67 2.00 -39.04
C ASN C 1030 -22.87 3.30 -39.05
N ASP C 1031 -23.37 4.34 -38.40
CA ASP C 1031 -22.69 5.63 -38.38
C ASP C 1031 -21.58 5.58 -37.33
N ILE C 1032 -20.34 5.31 -37.79
CA ILE C 1032 -19.22 5.22 -36.87
C ILE C 1032 -18.93 6.57 -36.24
N THR C 1033 -19.13 7.66 -36.99
CA THR C 1033 -18.76 8.98 -36.50
C THR C 1033 -19.49 9.34 -35.22
N LEU C 1034 -20.63 8.69 -34.95
CA LEU C 1034 -21.37 8.95 -33.72
C LEU C 1034 -20.51 8.64 -32.50
N LYS C 1035 -19.55 7.72 -32.63
CA LYS C 1035 -18.67 7.42 -31.51
C LYS C 1035 -17.88 8.64 -31.09
N SER C 1036 -17.44 9.45 -32.05
CA SER C 1036 -16.73 10.68 -31.72
C SER C 1036 -17.59 11.61 -30.88
N HIS C 1037 -18.88 11.71 -31.23
CA HIS C 1037 -19.79 12.52 -30.43
C HIS C 1037 -19.93 11.96 -29.02
N MET C 1038 -19.97 10.63 -28.90
CA MET C 1038 -20.01 10.01 -27.58
C MET C 1038 -18.76 10.36 -26.77
N TYR C 1039 -17.61 10.49 -27.45
CA TYR C 1039 -16.39 10.88 -26.77
C TYR C 1039 -16.55 12.25 -26.12
N HIS C 1040 -17.21 13.17 -26.81
CA HIS C 1040 -17.45 14.49 -26.25
C HIS C 1040 -18.28 14.40 -24.96
N THR C 1041 -19.31 13.56 -24.99
CA THR C 1041 -20.13 13.36 -23.78
C THR C 1041 -19.29 12.79 -22.65
N TYR C 1042 -18.44 11.80 -22.96
CA TYR C 1042 -17.54 11.27 -21.95
C TYR C 1042 -16.57 12.33 -21.46
N LEU C 1043 -16.07 13.17 -22.38
CA LEU C 1043 -15.18 14.26 -21.97
C LEU C 1043 -15.88 15.21 -21.01
N GLN C 1044 -17.13 15.56 -21.31
CA GLN C 1044 -17.89 16.41 -20.39
C GLN C 1044 -18.13 15.70 -19.06
N ILE C 1045 -18.28 14.38 -19.08
CA ILE C 1045 -18.41 13.62 -17.83
C ILE C 1045 -17.10 13.54 -17.08
N MET C 1046 -15.98 13.76 -17.75
CA MET C 1046 -14.65 13.67 -17.15
C MET C 1046 -14.13 15.02 -16.67
N LEU C 1047 -14.23 16.06 -17.52
CA LEU C 1047 -13.70 17.36 -17.14
C LEU C 1047 -14.39 17.94 -15.93
N ASN C 1048 -15.62 17.51 -15.63
CA ASN C 1048 -16.34 18.01 -14.47
C ASN C 1048 -15.93 17.32 -13.18
N GLN C 1049 -15.18 16.22 -13.26
CA GLN C 1049 -14.76 15.53 -12.06
C GLN C 1049 -13.75 16.38 -11.28
N LYS C 1050 -13.89 16.39 -9.96
CA LYS C 1050 -13.00 17.20 -9.13
C LYS C 1050 -11.56 16.74 -9.26
N HIS C 1051 -11.30 15.45 -9.06
CA HIS C 1051 -9.94 14.95 -9.07
C HIS C 1051 -9.29 15.05 -10.45
N ILE C 1052 -10.08 15.15 -11.51
CA ILE C 1052 -9.53 15.29 -12.85
C ILE C 1052 -9.31 16.76 -13.19
N SER C 1053 -10.26 17.63 -12.85
CA SER C 1053 -10.12 19.05 -13.15
C SER C 1053 -8.94 19.67 -12.40
N GLU C 1054 -8.75 19.28 -11.14
CA GLU C 1054 -7.68 19.86 -10.34
C GLU C 1054 -6.30 19.54 -10.89
N ARG C 1055 -6.17 18.49 -11.70
CA ARG C 1055 -4.88 18.07 -12.23
C ARG C 1055 -4.57 18.69 -13.59
N LEU C 1056 -5.47 19.51 -14.13
CA LEU C 1056 -5.29 20.12 -15.45
C LEU C 1056 -5.09 21.62 -15.28
N ASN C 1057 -4.04 22.14 -15.93
CA ASN C 1057 -3.79 23.57 -15.90
C ASN C 1057 -4.80 24.30 -16.78
N SER C 1058 -4.89 25.62 -16.56
CA SER C 1058 -5.91 26.41 -17.26
C SER C 1058 -5.68 26.38 -18.77
N GLU C 1059 -4.43 26.53 -19.21
CA GLU C 1059 -4.16 26.62 -20.64
C GLU C 1059 -4.56 25.34 -21.36
N LYS C 1060 -4.20 24.18 -20.81
CA LYS C 1060 -4.59 22.92 -21.43
C LYS C 1060 -6.09 22.74 -21.42
N ARG C 1061 -6.74 23.12 -20.31
CA ARG C 1061 -8.20 22.99 -20.25
C ARG C 1061 -8.87 23.82 -21.32
N ARG C 1062 -8.39 25.05 -21.54
CA ARG C 1062 -8.95 25.88 -22.60
C ARG C 1062 -8.75 25.24 -23.97
N LYS C 1063 -7.55 24.70 -24.22
CA LYS C 1063 -7.30 24.03 -25.49
C LYS C 1063 -8.19 22.80 -25.63
N ILE C 1064 -8.35 22.03 -24.55
CA ILE C 1064 -9.20 20.83 -24.62
C ILE C 1064 -10.64 21.23 -24.92
N GLU C 1065 -11.14 22.30 -24.28
CA GLU C 1065 -12.48 22.78 -24.58
C GLU C 1065 -12.60 23.21 -26.02
N ASP C 1066 -11.59 23.92 -26.55
CA ASP C 1066 -11.62 24.32 -27.95
C ASP C 1066 -11.65 23.11 -28.87
N LEU C 1067 -10.84 22.09 -28.57
CA LEU C 1067 -10.87 20.87 -29.35
C LEU C 1067 -12.22 20.17 -29.24
N ALA C 1068 -12.81 20.17 -28.04
CA ALA C 1068 -14.13 19.58 -27.86
C ALA C 1068 -15.17 20.29 -28.72
N LYS C 1069 -15.11 21.62 -28.77
CA LYS C 1069 -16.02 22.37 -29.64
C LYS C 1069 -15.80 21.99 -31.10
N ALA C 1070 -14.54 21.86 -31.51
CA ALA C 1070 -14.26 21.44 -32.89
C ALA C 1070 -14.79 20.05 -33.16
N ILE C 1071 -14.65 19.14 -32.18
CA ILE C 1071 -15.18 17.79 -32.34
C ILE C 1071 -16.69 17.83 -32.53
N LEU C 1072 -17.37 18.70 -31.77
CA LEU C 1072 -18.81 18.85 -31.96
C LEU C 1072 -19.13 19.32 -33.37
N GLU C 1073 -18.35 20.28 -33.89
CA GLU C 1073 -18.58 20.77 -35.24
C GLU C 1073 -18.08 19.78 -36.28
N GLN C 1074 -16.98 19.09 -36.00
CA GLN C 1074 -16.36 18.14 -36.95
C GLN C 1074 -16.03 16.85 -36.22
N PRO C 1075 -17.05 16.06 -35.86
CA PRO C 1075 -16.78 14.80 -35.14
C PRO C 1075 -15.90 13.84 -35.92
N HIS C 1076 -16.00 13.81 -37.24
CA HIS C 1076 -15.32 12.80 -38.04
C HIS C 1076 -13.80 12.94 -38.01
N GLU C 1077 -13.26 14.06 -37.56
CA GLU C 1077 -11.82 14.26 -37.56
C GLU C 1077 -11.21 13.63 -36.31
N SER C 1078 -10.34 12.63 -36.51
CA SER C 1078 -9.67 11.97 -35.41
C SER C 1078 -8.47 12.76 -34.88
N GLY C 1079 -8.02 13.77 -35.62
CA GLY C 1079 -6.90 14.57 -35.14
C GLY C 1079 -7.20 15.26 -33.83
N HIS C 1080 -8.45 15.73 -33.66
CA HIS C 1080 -8.83 16.38 -32.41
C HIS C 1080 -8.69 15.41 -31.23
N LYS C 1081 -9.16 14.17 -31.41
CA LYS C 1081 -9.02 13.19 -30.34
C LYS C 1081 -7.56 12.90 -30.04
N THR C 1082 -6.73 12.79 -31.07
CA THR C 1082 -5.31 12.54 -30.86
C THR C 1082 -4.67 13.68 -30.08
N THR C 1083 -5.00 14.93 -30.43
CA THR C 1083 -4.44 16.06 -29.70
C THR C 1083 -4.92 16.07 -28.26
N ILE C 1084 -6.19 15.77 -28.03
CA ILE C 1084 -6.71 15.73 -26.66
C ILE C 1084 -6.00 14.65 -25.86
N SER C 1085 -5.80 13.48 -26.45
CA SER C 1085 -5.11 12.40 -25.75
C SER C 1085 -3.68 12.80 -25.40
N SER C 1086 -2.98 13.46 -26.33
CA SER C 1086 -1.63 13.91 -26.05
C SER C 1086 -1.60 14.93 -24.92
N LEU C 1087 -2.54 15.87 -24.93
CA LEU C 1087 -2.61 16.86 -23.85
C LEU C 1087 -2.95 16.21 -22.52
N LEU C 1088 -3.82 15.21 -22.53
CA LEU C 1088 -4.25 14.55 -21.30
C LEU C 1088 -3.31 13.43 -20.86
N GLY C 1089 -2.23 13.20 -21.58
CA GLY C 1089 -1.28 12.17 -21.21
C GLY C 1089 -0.66 12.42 -19.84
N LYS C 1090 -0.73 13.67 -19.38
CA LYS C 1090 -0.20 14.00 -18.06
C LYS C 1090 -0.94 13.24 -16.96
N LEU C 1091 -2.26 13.12 -17.08
CA LEU C 1091 -3.04 12.46 -16.05
C LEU C 1091 -2.67 10.99 -15.88
N ARG C 1092 -2.05 10.39 -16.90
CA ARG C 1092 -1.72 8.97 -16.83
C ARG C 1092 -0.65 8.67 -15.80
N LEU C 1093 0.08 9.70 -15.34
CA LEU C 1093 1.12 9.48 -14.34
C LEU C 1093 0.50 9.12 -13.00
N LEU C 1094 1.01 8.07 -12.37
CA LEU C 1094 0.42 7.58 -11.13
C LEU C 1094 0.87 8.44 -9.95
N PRO C 1095 -0.04 8.77 -9.03
CA PRO C 1095 0.39 9.44 -7.79
C PRO C 1095 0.94 8.45 -6.77
N PHE C 1096 2.23 8.14 -6.88
CA PHE C 1096 2.82 7.08 -6.07
C PHE C 1096 2.61 7.33 -4.59
N ARG C 1097 2.83 8.57 -4.14
CA ARG C 1097 2.69 8.87 -2.72
C ARG C 1097 1.26 8.64 -2.24
N LYS C 1098 0.27 9.00 -3.05
CA LYS C 1098 -1.12 8.74 -2.67
C LYS C 1098 -1.37 7.24 -2.55
N MET C 1099 -0.82 6.45 -3.47
CA MET C 1099 -0.96 5.00 -3.39
C MET C 1099 -0.32 4.48 -2.11
N LYS C 1100 0.84 5.01 -1.74
CA LYS C 1100 1.49 4.61 -0.50
C LYS C 1100 0.60 4.95 0.70
N PHE C 1101 0.01 6.14 0.71
CA PHE C 1101 -0.89 6.51 1.79
C PHE C 1101 -2.14 5.63 1.80
N SER C 1102 -2.68 5.33 0.61
CA SER C 1102 -3.86 4.47 0.54
C SER C 1102 -3.55 3.07 1.06
N THR C 1103 -2.32 2.59 0.86
CA THR C 1103 -1.97 1.26 1.35
C THR C 1103 -2.09 1.20 2.86
N LYS C 1104 -1.64 2.24 3.56
CA LYS C 1104 -1.77 2.27 5.02
C LYS C 1104 -3.23 2.30 5.42
N LEU C 1105 -4.06 3.08 4.72
CA LEU C 1105 -5.48 3.14 5.05
C LEU C 1105 -6.14 1.78 4.84
N PHE C 1106 -5.81 1.11 3.74
CA PHE C 1106 -6.40 -0.20 3.48
C PHE C 1106 -6.00 -1.21 4.55
N SER C 1107 -4.73 -1.19 4.97
CA SER C 1107 -4.29 -2.10 6.02
C SER C 1107 -5.04 -1.83 7.32
N ASP C 1108 -5.19 -0.55 7.68
CA ASP C 1108 -5.94 -0.22 8.89
C ASP C 1108 -7.39 -0.67 8.78
N ASN C 1109 -8.01 -0.44 7.63
CA ASN C 1109 -9.40 -0.84 7.45
C ASN C 1109 -9.55 -2.35 7.55
N ASN C 1110 -8.62 -3.10 6.94
CA ASN C 1110 -8.69 -4.55 7.01
C ASN C 1110 -8.50 -5.05 8.43
N ASP C 1111 -7.59 -4.42 9.18
CA ASP C 1111 -7.40 -4.80 10.58
C ASP C 1111 -8.69 -4.58 11.37
N ARG C 1112 -9.34 -3.43 11.16
CA ARG C 1112 -10.63 -3.20 11.80
C ARG C 1112 -11.69 -4.12 11.22
N LYS C 1113 -11.60 -4.42 9.93
CA LYS C 1113 -12.51 -5.39 9.32
C LYS C 1113 -12.37 -6.76 9.98
N LEU C 1114 -11.14 -7.19 10.24
CA LEU C 1114 -10.92 -8.46 10.91
C LEU C 1114 -11.49 -8.44 12.32
N VAL C 1115 -11.32 -7.33 13.04
CA VAL C 1115 -11.84 -7.22 14.40
C VAL C 1115 -13.36 -7.34 14.37
N LYS C 1116 -14.01 -6.67 13.43
CA LYS C 1116 -15.46 -6.74 13.33
C LYS C 1116 -15.93 -8.17 13.10
N ASN C 1117 -15.25 -8.89 12.20
CA ASN C 1117 -15.63 -10.27 11.91
C ASN C 1117 -15.47 -11.15 13.14
N ILE C 1118 -14.36 -10.98 13.87
CA ILE C 1118 -14.12 -11.82 15.05
C ILE C 1118 -15.19 -11.57 16.10
N LYS C 1119 -15.51 -10.30 16.35
CA LYS C 1119 -16.50 -9.98 17.37
C LYS C 1119 -17.89 -10.47 16.98
N LYS C 1120 -18.25 -10.35 15.70
CA LYS C 1120 -19.60 -10.68 15.26
C LYS C 1120 -19.76 -12.18 15.03
N LYS C 1121 -18.83 -12.79 14.31
CA LYS C 1121 -18.99 -14.20 13.94
C LYS C 1121 -19.02 -15.10 15.16
N PHE C 1122 -18.13 -14.86 16.13
CA PHE C 1122 -17.98 -15.73 17.28
C PHE C 1122 -18.58 -15.11 18.55
N GLY C 1123 -18.14 -13.92 18.92
CA GLY C 1123 -18.65 -13.28 20.11
C GLY C 1123 -17.80 -12.08 20.49
N ALA C 1124 -18.37 -11.28 21.39
CA ALA C 1124 -17.69 -10.06 21.81
C ALA C 1124 -16.52 -10.34 22.73
N ASP C 1125 -16.67 -11.32 23.64
CA ASP C 1125 -15.66 -11.65 24.63
C ASP C 1125 -15.00 -13.00 24.33
N ALA C 1126 -14.79 -13.28 23.05
CA ALA C 1126 -14.17 -14.54 22.65
C ALA C 1126 -12.71 -14.57 23.07
N VAL C 1127 -12.24 -15.76 23.44
CA VAL C 1127 -10.84 -15.98 23.80
C VAL C 1127 -10.15 -16.66 22.62
N LEU C 1128 -9.01 -16.13 22.21
CA LEU C 1128 -8.32 -16.59 21.02
C LEU C 1128 -7.17 -17.53 21.40
N VAL C 1129 -7.08 -18.64 20.68
CA VAL C 1129 -5.97 -19.59 20.82
C VAL C 1129 -5.25 -19.62 19.47
N LEU C 1130 -3.94 -19.37 19.51
CA LEU C 1130 -3.15 -19.26 18.29
C LEU C 1130 -1.97 -20.22 18.35
N GLY C 1131 -1.56 -20.70 17.18
CA GLY C 1131 -0.44 -21.62 17.11
C GLY C 1131 0.89 -20.92 17.36
N ASN C 1132 1.91 -21.74 17.61
CA ASN C 1132 3.26 -21.26 17.89
C ASN C 1132 4.10 -21.08 16.64
N TRP C 1133 3.57 -21.43 15.46
CA TRP C 1133 4.34 -21.29 14.24
C TRP C 1133 4.75 -19.83 14.02
N SER C 1134 6.01 -19.62 13.69
CA SER C 1134 6.57 -18.28 13.56
C SER C 1134 6.42 -17.72 12.15
N ALA C 1135 5.97 -18.52 11.19
CA ALA C 1135 5.83 -18.09 9.79
C ALA C 1135 7.13 -17.48 9.27
N PRO C 1136 8.22 -18.26 9.23
CA PRO C 1136 9.47 -17.71 8.67
C PRO C 1136 9.32 -17.33 7.21
N ASN C 1137 10.04 -16.28 6.81
CA ASN C 1137 10.04 -15.85 5.42
C ASN C 1137 10.93 -16.79 4.61
N THR C 1138 10.39 -17.29 3.50
CA THR C 1138 11.10 -18.24 2.66
C THR C 1138 10.81 -17.94 1.19
N LYS C 1139 11.74 -18.32 0.33
CA LYS C 1139 11.55 -18.11 -1.11
C LYS C 1139 10.33 -18.88 -1.59
N TYR C 1140 9.62 -18.30 -2.55
CA TYR C 1140 8.36 -18.81 -3.09
C TYR C 1140 7.22 -18.69 -2.08
N GLN C 1141 7.42 -18.00 -0.97
CA GLN C 1141 6.39 -17.81 0.05
C GLN C 1141 6.48 -16.36 0.52
N ASP C 1142 5.50 -15.54 0.15
CA ASP C 1142 5.50 -14.15 0.54
C ASP C 1142 5.22 -14.01 2.03
N PRO C 1143 5.57 -12.86 2.62
CA PRO C 1143 5.40 -12.70 4.08
C PRO C 1143 4.00 -13.02 4.57
N THR C 1144 3.87 -13.26 5.87
CA THR C 1144 2.59 -13.58 6.48
C THR C 1144 2.52 -12.94 7.86
N ARG C 1145 1.30 -12.74 8.35
CA ARG C 1145 1.06 -12.06 9.63
C ARG C 1145 1.19 -13.09 10.74
N ASN C 1146 2.31 -13.05 11.46
CA ASN C 1146 2.51 -13.94 12.60
C ASN C 1146 2.93 -13.20 13.87
N LYS C 1147 3.74 -12.16 13.75
CA LYS C 1147 4.25 -11.43 14.91
C LYS C 1147 3.46 -10.15 15.19
N GLY C 1148 3.25 -9.33 14.16
CA GLY C 1148 2.44 -8.13 14.34
C GLY C 1148 0.98 -8.42 14.60
N LEU C 1149 0.49 -9.58 14.19
CA LEU C 1149 -0.90 -9.94 14.45
C LEU C 1149 -1.17 -10.04 15.94
N ARG C 1150 -0.26 -10.66 16.69
CA ARG C 1150 -0.46 -10.80 18.13
C ARG C 1150 -0.53 -9.45 18.82
N ARG C 1151 0.36 -8.52 18.43
CA ARG C 1151 0.34 -7.19 19.02
C ARG C 1151 -1.00 -6.50 18.75
N MET C 1152 -1.49 -6.59 17.51
CA MET C 1152 -2.75 -5.94 17.16
C MET C 1152 -3.90 -6.55 17.94
N LEU C 1153 -3.95 -7.89 18.01
CA LEU C 1153 -5.04 -8.55 18.73
C LEU C 1153 -5.03 -8.19 20.21
N LYS C 1154 -3.84 -8.20 20.83
CA LYS C 1154 -3.76 -7.83 22.24
C LYS C 1154 -4.10 -6.36 22.45
N LYS C 1155 -3.74 -5.50 21.50
CA LYS C 1155 -4.11 -4.09 21.61
C LYS C 1155 -5.63 -3.92 21.61
N ASN C 1156 -6.31 -4.67 20.74
CA ASN C 1156 -7.77 -4.60 20.71
C ASN C 1156 -8.42 -5.15 21.97
N GLY C 1157 -7.67 -5.88 22.79
CA GLY C 1157 -8.19 -6.39 24.04
C GLY C 1157 -8.67 -7.83 24.02
N PHE C 1158 -8.42 -8.55 22.94
CA PHE C 1158 -8.85 -9.95 22.86
C PHE C 1158 -7.88 -10.82 23.65
N PRO C 1159 -8.33 -11.56 24.66
CA PRO C 1159 -7.42 -12.49 25.36
C PRO C 1159 -6.88 -13.53 24.40
N LEU C 1160 -5.57 -13.52 24.22
CA LEU C 1160 -4.88 -14.40 23.27
C LEU C 1160 -3.90 -15.29 24.01
N TYR C 1161 -3.90 -16.57 23.68
CA TYR C 1161 -2.99 -17.54 24.26
C TYR C 1161 -2.41 -18.41 23.16
N LEU C 1162 -1.23 -18.96 23.42
CA LEU C 1162 -0.51 -19.77 22.45
C LEU C 1162 -0.63 -21.26 22.79
N ILE C 1163 -0.67 -22.09 21.75
CA ILE C 1163 -0.78 -23.53 21.90
C ILE C 1163 0.22 -24.18 20.95
N ASP C 1164 0.88 -25.24 21.42
CA ASP C 1164 1.86 -25.93 20.61
C ASP C 1164 1.21 -26.62 19.41
N GLU C 1165 1.96 -26.71 18.32
CA GLU C 1165 1.49 -27.31 17.07
C GLU C 1165 2.15 -28.65 16.79
N PHE C 1166 2.80 -29.27 17.78
CA PHE C 1166 3.55 -30.49 17.54
C PHE C 1166 2.65 -31.63 17.11
N ARG C 1167 2.76 -32.05 15.84
CA ARG C 1167 2.02 -33.18 15.31
C ARG C 1167 0.51 -33.02 15.50
N THR C 1168 0.03 -31.77 15.48
CA THR C 1168 -1.40 -31.53 15.64
C THR C 1168 -2.18 -31.86 14.37
N SER C 1169 -1.57 -31.68 13.21
CA SER C 1169 -2.22 -31.95 11.93
C SER C 1169 -1.78 -33.27 11.32
N SER C 1170 -1.07 -34.11 12.07
CA SER C 1170 -0.54 -35.36 11.56
C SER C 1170 -1.39 -36.58 11.94
N PHE C 1171 -2.54 -36.36 12.57
CA PHE C 1171 -3.39 -37.47 13.01
C PHE C 1171 -4.85 -37.15 12.69
N CYS C 1172 -5.63 -38.20 12.52
CA CYS C 1172 -7.05 -38.06 12.18
C CYS C 1172 -7.84 -37.67 13.43
N PRO C 1173 -8.56 -36.55 13.43
CA PRO C 1173 -9.36 -36.20 14.61
C PRO C 1173 -10.38 -37.26 14.98
N LYS C 1174 -10.97 -37.93 13.99
CA LYS C 1174 -12.04 -38.89 14.28
C LYS C 1174 -11.52 -40.07 15.10
N CYS C 1175 -10.35 -40.60 14.75
CA CYS C 1175 -9.83 -41.79 15.42
C CYS C 1175 -8.33 -41.71 15.70
N GLU C 1176 -7.71 -40.55 15.57
CA GLU C 1176 -6.29 -40.36 15.87
C GLU C 1176 -5.38 -41.16 14.95
N SER C 1177 -5.88 -41.63 13.82
CA SER C 1177 -5.05 -42.36 12.87
C SER C 1177 -4.24 -41.39 12.01
N ASP C 1178 -3.11 -41.88 11.52
CA ASP C 1178 -2.23 -41.05 10.71
C ASP C 1178 -2.92 -40.65 9.41
N LEU C 1179 -2.60 -39.45 8.95
CA LEU C 1179 -3.17 -38.88 7.73
C LEU C 1179 -2.14 -38.86 6.62
N GLU C 1180 -2.62 -38.72 5.39
CA GLU C 1180 -1.75 -38.71 4.22
C GLU C 1180 -2.35 -37.83 3.13
N LYS C 1181 -1.49 -37.39 2.23
CA LYS C 1181 -1.91 -36.63 1.05
C LYS C 1181 -2.04 -37.59 -0.13
N PHE C 1182 -3.17 -37.53 -0.83
CA PHE C 1182 -3.45 -38.48 -1.90
C PHE C 1182 -3.79 -37.81 -3.23
N LYS C 1183 -4.51 -36.69 -3.20
CA LYS C 1183 -4.88 -36.03 -4.44
C LYS C 1183 -3.68 -35.37 -5.10
N VAL C 1184 -3.55 -35.55 -6.41
CA VAL C 1184 -2.55 -34.87 -7.21
C VAL C 1184 -3.26 -33.81 -8.04
N ILE C 1185 -2.81 -32.56 -7.92
CA ILE C 1185 -3.51 -31.41 -8.51
C ILE C 1185 -2.54 -30.66 -9.39
N PRO C 1186 -3.00 -29.98 -10.44
CA PRO C 1186 -2.10 -29.11 -11.21
C PRO C 1186 -1.47 -28.06 -10.31
N ASN C 1187 -0.21 -27.72 -10.61
CA ASN C 1187 0.58 -26.82 -9.78
C ASN C 1187 -0.24 -25.60 -9.39
N PRO C 1188 -0.54 -25.42 -8.10
CA PRO C 1188 -1.35 -24.26 -7.69
C PRO C 1188 -0.76 -22.94 -8.13
N ARG C 1189 0.57 -22.80 -8.10
CA ARG C 1189 1.22 -21.58 -8.56
C ARG C 1189 1.22 -21.60 -10.09
N PRO C 1190 0.46 -20.74 -10.77
CA PRO C 1190 0.36 -20.87 -12.23
C PRO C 1190 1.67 -20.70 -12.96
N HIS C 1191 2.58 -19.84 -12.47
CA HIS C 1191 3.83 -19.62 -13.16
C HIS C 1191 4.75 -20.84 -13.10
N ASN C 1192 4.50 -21.77 -12.18
CA ASN C 1192 5.26 -23.00 -12.09
C ASN C 1192 4.61 -24.16 -12.84
N GLN C 1193 3.42 -23.95 -13.42
CA GLN C 1193 2.78 -25.01 -14.21
C GLN C 1193 3.64 -25.39 -15.40
N GLU C 1194 4.23 -24.40 -16.07
CA GLU C 1194 5.13 -24.68 -17.18
C GLU C 1194 6.31 -25.52 -16.71
N LYS C 1195 6.81 -25.27 -15.50
CA LYS C 1195 7.95 -26.00 -14.98
C LYS C 1195 7.58 -27.36 -14.42
N GLN C 1196 6.32 -27.55 -14.00
CA GLN C 1196 5.87 -28.81 -13.42
C GLN C 1196 4.38 -28.99 -13.66
N PRO C 1197 3.95 -30.10 -14.29
CA PRO C 1197 2.52 -30.23 -14.59
C PRO C 1197 1.63 -30.33 -13.36
N LYS C 1198 1.92 -31.27 -12.46
CA LYS C 1198 1.09 -31.50 -11.28
C LYS C 1198 1.98 -31.68 -10.06
N VAL C 1199 1.42 -31.37 -8.89
CA VAL C 1199 2.09 -31.52 -7.61
C VAL C 1199 1.11 -32.11 -6.61
N LEU C 1200 1.67 -32.66 -5.53
CA LEU C 1200 0.84 -33.24 -4.48
C LEU C 1200 0.02 -32.15 -3.79
N CYS C 1201 -1.17 -32.53 -3.33
CA CYS C 1201 -2.06 -31.57 -2.70
C CYS C 1201 -1.47 -31.06 -1.38
N HIS C 1202 -1.88 -29.85 -1.00
CA HIS C 1202 -1.33 -29.17 0.17
C HIS C 1202 -2.27 -29.26 1.38
N GLY C 1203 -3.51 -28.80 1.23
CA GLY C 1203 -4.40 -28.65 2.36
C GLY C 1203 -5.46 -29.72 2.51
N LEU C 1204 -5.28 -30.86 1.84
CA LEU C 1204 -6.24 -31.96 1.90
C LEU C 1204 -5.57 -33.21 2.45
N LEU C 1205 -6.30 -33.95 3.28
CA LEU C 1205 -5.81 -35.18 3.88
C LEU C 1205 -6.94 -36.18 3.97
N ARG C 1206 -6.57 -37.46 4.04
CA ARG C 1206 -7.53 -38.53 4.23
C ARG C 1206 -7.02 -39.51 5.29
N CYS C 1207 -7.95 -40.19 5.94
CA CYS C 1207 -7.60 -41.13 7.00
C CYS C 1207 -7.33 -42.51 6.40
N LYS C 1208 -6.14 -43.05 6.69
CA LYS C 1208 -5.78 -44.36 6.16
C LYS C 1208 -6.68 -45.46 6.72
N ASN C 1209 -6.98 -45.38 8.02
CA ASN C 1209 -7.78 -46.42 8.66
C ASN C 1209 -9.13 -46.55 7.95
N MET C 1210 -9.50 -47.80 7.62
CA MET C 1210 -10.76 -48.05 6.95
C MET C 1210 -11.96 -48.06 7.90
N SER C 1211 -11.72 -48.25 9.21
CA SER C 1211 -12.80 -48.24 10.18
C SER C 1211 -13.20 -46.84 10.61
N CYS C 1212 -12.49 -45.81 10.15
CA CYS C 1212 -12.82 -44.45 10.54
C CYS C 1212 -14.19 -44.02 10.03
N LEU C 1213 -14.54 -44.41 8.80
CA LEU C 1213 -15.74 -43.93 8.13
C LEU C 1213 -16.79 -45.04 8.04
N GLU C 1214 -18.06 -44.63 8.13
CA GLU C 1214 -19.17 -45.51 7.81
C GLU C 1214 -19.24 -45.59 6.28
N GLN C 1215 -18.37 -46.42 5.72
CA GLN C 1215 -18.11 -46.40 4.29
C GLN C 1215 -19.35 -46.75 3.50
N GLN C 1216 -19.50 -46.11 2.33
CA GLN C 1216 -20.54 -46.49 1.40
C GLN C 1216 -20.17 -47.82 0.73
N THR C 1217 -21.15 -48.41 0.06
CA THR C 1217 -21.01 -49.76 -0.46
C THR C 1217 -20.40 -49.76 -1.86
N SER C 1218 -19.68 -50.85 -2.16
CA SER C 1218 -19.15 -51.22 -3.48
C SER C 1218 -17.86 -50.50 -3.87
N GLU C 1219 -17.43 -49.46 -3.16
CA GLU C 1219 -16.23 -48.74 -3.53
C GLU C 1219 -15.24 -48.54 -2.40
N GLY C 1220 -15.68 -48.52 -1.14
CA GLY C 1220 -14.78 -48.25 -0.04
C GLY C 1220 -14.41 -46.79 0.01
N ASN C 1221 -14.29 -46.22 1.20
CA ASN C 1221 -14.07 -44.79 1.32
C ASN C 1221 -13.49 -44.48 2.69
N GLN C 1222 -12.94 -43.28 2.82
CA GLN C 1222 -12.40 -42.80 4.08
C GLN C 1222 -12.75 -41.32 4.24
N ARG C 1223 -12.80 -40.87 5.48
CA ARG C 1223 -13.11 -39.49 5.76
C ARG C 1223 -12.03 -38.57 5.23
N LEU C 1224 -12.46 -37.44 4.66
CA LEU C 1224 -11.55 -36.42 4.14
C LEU C 1224 -11.58 -35.20 5.05
N TRP C 1225 -10.40 -34.60 5.24
CA TRP C 1225 -10.26 -33.47 6.14
C TRP C 1225 -9.40 -32.39 5.50
N ASN C 1226 -9.64 -31.15 5.91
CA ASN C 1226 -8.75 -30.05 5.55
C ASN C 1226 -7.62 -29.96 6.56
N ARG C 1227 -6.45 -29.52 6.10
CA ARG C 1227 -5.30 -29.42 6.98
C ARG C 1227 -5.60 -28.49 8.16
N ASP C 1228 -6.18 -27.33 7.87
CA ASP C 1228 -6.56 -26.41 8.94
C ASP C 1228 -7.68 -26.99 9.79
N GLN C 1229 -8.66 -27.62 9.15
CA GLN C 1229 -9.78 -28.18 9.90
C GLN C 1229 -9.31 -29.27 10.87
N ALA C 1230 -8.41 -30.14 10.41
CA ALA C 1230 -7.87 -31.17 11.29
C ALA C 1230 -7.07 -30.54 12.43
N ALA C 1231 -6.30 -29.49 12.14
CA ALA C 1231 -5.49 -28.86 13.17
C ALA C 1231 -6.35 -28.26 14.27
N VAL C 1232 -7.43 -27.56 13.90
CA VAL C 1232 -8.28 -26.94 14.90
C VAL C 1232 -9.01 -27.99 15.72
N LEU C 1233 -9.43 -29.09 15.08
CA LEU C 1233 -10.07 -30.17 15.81
C LEU C 1233 -9.11 -30.77 16.83
N ASN C 1234 -7.85 -30.99 16.43
CA ASN C 1234 -6.85 -31.49 17.36
C ASN C 1234 -6.54 -30.48 18.45
N PHE C 1235 -6.55 -29.19 18.11
CA PHE C 1235 -6.40 -28.15 19.13
C PHE C 1235 -7.52 -28.24 20.16
N ARG C 1236 -8.75 -28.47 19.70
CA ARG C 1236 -9.87 -28.62 20.61
C ARG C 1236 -9.67 -29.83 21.53
N LYS C 1237 -9.18 -30.93 20.97
CA LYS C 1237 -8.90 -32.12 21.78
C LYS C 1237 -7.89 -31.79 22.88
N ILE C 1238 -6.81 -31.10 22.52
CA ILE C 1238 -5.81 -30.73 23.51
C ILE C 1238 -6.41 -29.81 24.56
N LEU C 1239 -7.22 -28.84 24.12
CA LEU C 1239 -7.86 -27.94 25.07
C LEU C 1239 -8.76 -28.70 26.04
N ASN C 1240 -9.56 -29.63 25.52
CA ASN C 1240 -10.43 -30.42 26.40
C ASN C 1240 -9.62 -31.26 27.36
N CYS C 1241 -8.55 -31.89 26.88
CA CYS C 1241 -7.71 -32.71 27.76
C CYS C 1241 -7.08 -31.86 28.85
N LEU C 1242 -6.58 -30.68 28.49
CA LEU C 1242 -6.00 -29.79 29.49
C LEU C 1242 -7.03 -29.37 30.53
N ARG C 1243 -8.25 -29.05 30.08
CA ARG C 1243 -9.30 -28.67 31.02
C ARG C 1243 -9.63 -29.82 31.97
N GLU C 1244 -9.70 -31.04 31.45
CA GLU C 1244 -10.07 -32.18 32.29
C GLU C 1244 -8.96 -32.56 33.25
N THR C 1245 -7.71 -32.62 32.77
CA THR C 1245 -6.59 -33.09 33.58
C THR C 1245 -5.40 -32.16 33.60
N LYS C 1246 -5.35 -31.13 32.75
CA LYS C 1246 -4.23 -30.21 32.70
C LYS C 1246 -2.93 -30.93 32.30
N GLN C 1247 -3.05 -32.00 31.53
CA GLN C 1247 -1.91 -32.75 31.02
C GLN C 1247 -2.06 -32.88 29.52
N ARG C 1248 -0.99 -32.53 28.79
CA ARG C 1248 -1.04 -32.61 27.34
C ARG C 1248 -1.16 -34.07 26.91
N PRO C 1249 -1.94 -34.35 25.86
CA PRO C 1249 -2.08 -35.73 25.39
C PRO C 1249 -0.72 -36.32 25.01
N PRO C 1250 -0.46 -37.58 25.34
CA PRO C 1250 0.80 -38.19 24.91
C PRO C 1250 0.99 -38.19 23.41
N LEU C 1251 -0.07 -38.35 22.63
CA LEU C 1251 0.06 -38.41 21.18
C LEU C 1251 0.62 -37.11 20.62
N PHE C 1252 0.14 -35.97 21.13
CA PHE C 1252 0.55 -34.65 20.65
C PHE C 1252 1.67 -34.06 21.49
N SER C 1253 2.50 -34.90 22.11
CA SER C 1253 3.60 -34.43 22.94
C SER C 1253 4.94 -34.85 22.34
ZN ZN F . -9.89 -41.60 10.96
#